data_5SXF
#
_entry.id   5SXF
#
_cell.length_a   112.346
_cell.length_b   115.920
_cell.length_c   147.185
_cell.angle_alpha   90.000
_cell.angle_beta   90.000
_cell.angle_gamma   90.000
#
_symmetry.space_group_name_H-M   'P 21 21 21'
#
loop_
_entity.id
_entity.type
_entity.pdbx_description
1 polymer 'Phosphatidylinositol 4,5-bisphosphate 3-kinase catalytic subunit alpha isoform'
2 polymer 'Phosphatidylinositol 3-kinase regulatory subunit alpha'
3 non-polymer 'HYDROXYPHENYL PROPIONIC ACID'
#
loop_
_entity_poly.entity_id
_entity_poly.type
_entity_poly.pdbx_seq_one_letter_code
_entity_poly.pdbx_strand_id
1 'polypeptide(L)'
;MSYYHHHHHHDYDIPTTENLYFQGAMGSMPPRPSSGELWGIHLMPPRILVECLLPNGMIVTLECLREATLITIKHELFKE
ARKYPLHQLLQDESSYIFVSVTQEAEREEFFDETRRLCDLRLFQPFLKVIEPVGNREEKILNREIGFAIGMPVCEFDMVK
DPEVQDFRRNILNVCKEAVDLRDLNSPHSRAMYVYPPNVESSPELPKHIYNKLDKGQIIVVIWVIVSPNNDKQKYTLKIN
HDCVPEQVIAEAIRKKTRSMLLSSEQLKLCVLEYQGKYILKVCGCDEYFLEKYPLSQYKYIRSCIMLGRMPNLMLMAKES
LYSQLPMDCFTMPSYSRRISTATPYMNGETSTKSLWVINSALRIKILCATYVNVNIRDIDKIYVRTGIYHGGEPLCDNVN
TQRVPCSNPRWNEWLNYDIYIPDLPRAARLCLSICSVKGRKGAKEEHCPLAWGNINLFDYTDTLVSGKMALNLWPVPHGL
EDLLNPIGVTGSNPNKETPCLELEFDWFSSVVKFPDMSVIEEHANWSVSREAGFSYSHAGLSNRLARDNELRENDKEQLK
AISTRDPLSEITEQEKDFLWSHRHYCVTIPEILPKLLLSVKWNSRDEVAQMYCLVKDWPPIKPEQAMELLDCNYPDPMVR
GFAVRCLEKYLTDDKLSQYLIQLVQVLKYEQYLDNLLVRFLLKKALTNQRIGHFFFWHLKSEMHNKTVSQRFGLLLESYC
RACGMYLKHLNRQVEAMEKLINLTDILKQEKKDETQKVQMKFLVEQMRRPDFMDALQGFLSPLNPAHQLGNLRLEECRIM
SSAKRPLWLNWENPDIM(SEP)ELLFQNNEIIFKNGDDLRQDMLTLQIIRIMENIWQNQGLDLRMLPYGCLSIGDCVGLI
EVVRNSHTIMQIQCKGGLKGALQFNSHTLHQWLKDKNKGEIYDAAIDLFTRSCAGYCVATFILGIGDRHNSNIMVKDDGQ
LFHIDFGHFLDHKKKKFGYKRERVPFVLTQDFLIVISKGAQECTKTREFERFQEMCYKAYLAIRQHANLFINLFSMMLGS
GMPELQSFDDIAYIRKTLALDKTEQEALEYFMKQMNDAHHGGWTTKMDWIFHTIKQHALN
;
A
2 'polypeptide(L)'
;MNNNMSLQDAEWYWGDISREEVNEKLRDTADGTFLVRDASTKMHGDYTLTLRKGGNNKLIKIFHRDGKYGFSDPLTFSSV
VELINHYRNESLAQYNPKLDVKLLYPVSKYQQDQVVKEDNIEAVGKKLHEYNTQFQEKSREYDRLYEEYTRTSQEIQMKR
TAIEAFNETIKIFEEQCQTQERYSKEYIEKFKREGNEKEIQRIMHNYDKLKSRISEIIDSRRRLEEDLKKQAAEYREIDK
RMNSIKPDLIQLRKTRDQYLMWLTQKGVRQKKLNEWLGN
;
B
#
# COMPACT_ATOMS: atom_id res chain seq x y z
N SER A 2 12.54 17.76 -49.43
CA SER A 2 12.65 19.16 -48.90
C SER A 2 12.13 19.28 -47.46
N TYR A 3 11.05 18.55 -47.13
CA TYR A 3 10.62 18.36 -45.74
C TYR A 3 11.72 17.66 -44.94
N TYR A 4 12.10 16.45 -45.39
CA TYR A 4 12.99 15.53 -44.64
C TYR A 4 14.43 15.43 -45.18
N HIS A 5 14.80 16.34 -46.09
CA HIS A 5 16.00 16.23 -46.89
C HIS A 5 16.10 14.81 -47.45
N HIS A 6 14.96 14.25 -47.85
CA HIS A 6 14.85 12.91 -48.42
C HIS A 6 15.54 11.77 -47.68
N HIS A 7 15.65 11.87 -46.34
CA HIS A 7 16.25 10.77 -45.55
C HIS A 7 15.19 9.71 -45.20
N HIS A 8 15.36 8.51 -45.78
CA HIS A 8 14.46 7.37 -45.55
C HIS A 8 14.70 6.79 -44.15
N HIS A 9 13.69 6.08 -43.65
CA HIS A 9 13.84 5.17 -42.51
C HIS A 9 13.45 3.80 -43.05
N HIS A 10 14.45 2.95 -43.26
CA HIS A 10 14.20 1.61 -43.81
C HIS A 10 13.59 0.71 -42.73
N ASP A 11 14.21 0.73 -41.55
CA ASP A 11 13.77 -0.01 -40.34
C ASP A 11 12.26 0.02 -40.08
N TYR A 12 11.64 1.19 -40.24
CA TYR A 12 10.21 1.40 -39.98
C TYR A 12 9.32 0.48 -40.82
N ASP A 13 8.58 -0.39 -40.14
CA ASP A 13 7.51 -1.16 -40.74
C ASP A 13 6.22 -0.49 -40.29
N ILE A 14 5.18 -0.64 -41.10
CA ILE A 14 3.92 0.08 -40.87
C ILE A 14 3.06 -0.57 -39.77
N PRO A 15 2.86 -1.93 -39.81
CA PRO A 15 2.05 -2.58 -38.77
C PRO A 15 2.82 -2.89 -37.49
N GLY A 24 1.52 -0.43 -25.65
CA GLY A 24 2.58 0.45 -26.14
C GLY A 24 2.08 1.81 -26.63
N ALA A 25 1.68 1.86 -27.91
CA ALA A 25 1.05 3.05 -28.50
C ALA A 25 -0.40 3.14 -28.05
N MET A 26 -0.96 4.35 -28.08
CA MET A 26 -2.33 4.61 -27.60
C MET A 26 -2.50 4.21 -26.13
N ARG A 32 -0.94 -7.56 -14.87
CA ARG A 32 -2.06 -7.97 -15.71
C ARG A 32 -1.77 -9.25 -16.52
N PRO A 33 -2.71 -10.20 -16.67
CA PRO A 33 -4.05 -10.16 -16.10
C PRO A 33 -4.20 -11.17 -14.97
N SER A 34 -5.14 -10.89 -14.08
CA SER A 34 -5.55 -11.83 -13.03
C SER A 34 -6.55 -12.84 -13.65
N SER A 35 -6.16 -14.12 -13.72
CA SER A 35 -7.04 -15.15 -14.34
C SER A 35 -8.32 -15.33 -13.56
N GLY A 36 -9.35 -15.72 -14.31
CA GLY A 36 -10.72 -15.49 -13.90
C GLY A 36 -11.44 -16.58 -13.13
N GLU A 37 -12.62 -16.95 -13.62
CA GLU A 37 -13.48 -17.94 -12.97
C GLU A 37 -13.07 -19.39 -13.25
N LEU A 38 -12.23 -19.55 -14.25
CA LEU A 38 -11.70 -20.83 -14.69
C LEU A 38 -10.32 -20.62 -15.30
N TRP A 39 -9.49 -21.67 -15.35
CA TRP A 39 -8.14 -21.53 -15.92
C TRP A 39 -8.21 -20.99 -17.36
N GLY A 40 -7.50 -19.88 -17.60
CA GLY A 40 -7.26 -19.37 -18.95
C GLY A 40 -8.37 -18.57 -19.61
N ILE A 41 -9.52 -18.44 -18.92
CA ILE A 41 -10.68 -17.74 -19.46
C ILE A 41 -11.30 -16.87 -18.35
N HIS A 42 -11.71 -15.65 -18.69
CA HIS A 42 -12.04 -14.66 -17.64
C HIS A 42 -13.32 -14.86 -16.83
N LEU A 43 -14.26 -15.59 -17.42
CA LEU A 43 -15.65 -15.62 -16.95
C LEU A 43 -16.36 -16.80 -17.62
N MET A 44 -16.79 -17.79 -16.85
CA MET A 44 -17.10 -19.09 -17.48
C MET A 44 -18.35 -18.95 -18.35
N PRO A 45 -18.45 -19.76 -19.43
CA PRO A 45 -19.59 -19.58 -20.34
C PRO A 45 -20.91 -19.89 -19.66
N PRO A 46 -22.02 -19.27 -20.08
CA PRO A 46 -23.28 -19.38 -19.33
C PRO A 46 -23.81 -20.81 -19.12
N ARG A 47 -23.41 -21.72 -20.03
CA ARG A 47 -23.71 -23.14 -19.93
C ARG A 47 -22.40 -23.91 -20.11
N ILE A 48 -22.02 -24.70 -19.10
CA ILE A 48 -20.78 -25.47 -19.15
C ILE A 48 -21.01 -26.88 -18.63
N LEU A 49 -20.27 -27.83 -19.21
CA LEU A 49 -20.27 -29.25 -18.81
C LEU A 49 -19.24 -29.52 -17.71
N VAL A 50 -19.60 -30.31 -16.71
CA VAL A 50 -18.72 -30.52 -15.54
C VAL A 50 -18.55 -31.99 -15.21
N GLU A 51 -17.32 -32.50 -15.38
CA GLU A 51 -17.00 -33.89 -15.06
C GLU A 51 -17.21 -34.18 -13.55
N CYS A 52 -18.20 -34.98 -13.21
CA CYS A 52 -18.47 -35.33 -11.82
C CYS A 52 -17.96 -36.71 -11.51
N LEU A 53 -16.87 -36.77 -10.76
CA LEU A 53 -16.32 -38.03 -10.31
C LEU A 53 -17.11 -38.51 -9.10
N LEU A 54 -17.70 -39.69 -9.21
CA LEU A 54 -18.47 -40.28 -8.12
C LEU A 54 -17.59 -41.15 -7.23
N PRO A 55 -18.14 -41.58 -6.04
CA PRO A 55 -17.40 -42.53 -5.19
C PRO A 55 -17.25 -43.93 -5.83
N ASN A 56 -18.32 -44.39 -6.48
CA ASN A 56 -18.33 -45.62 -7.28
C ASN A 56 -17.40 -45.68 -8.53
N GLY A 57 -16.68 -44.59 -8.83
CA GLY A 57 -15.72 -44.55 -9.95
C GLY A 57 -16.27 -44.05 -11.27
N MET A 58 -17.58 -43.77 -11.31
CA MET A 58 -18.25 -43.35 -12.54
C MET A 58 -18.00 -41.88 -12.75
N ILE A 59 -17.56 -41.53 -13.96
CA ILE A 59 -17.47 -40.15 -14.44
C ILE A 59 -18.76 -39.85 -15.19
N VAL A 60 -19.59 -38.96 -14.63
CA VAL A 60 -20.82 -38.54 -15.30
C VAL A 60 -20.71 -37.03 -15.57
N THR A 61 -20.66 -36.66 -16.85
CA THR A 61 -20.61 -35.26 -17.23
C THR A 61 -22.03 -34.68 -17.17
N LEU A 62 -22.21 -33.58 -16.45
CA LEU A 62 -23.48 -32.85 -16.35
C LEU A 62 -23.36 -31.52 -17.04
N GLU A 63 -24.43 -31.05 -17.67
CA GLU A 63 -24.47 -29.66 -18.10
C GLU A 63 -25.00 -28.86 -16.94
N CYS A 64 -24.35 -27.73 -16.70
CA CYS A 64 -24.68 -26.82 -15.62
C CYS A 64 -24.78 -25.42 -16.14
N LEU A 65 -25.46 -24.59 -15.38
CA LEU A 65 -25.41 -23.17 -15.60
C LEU A 65 -24.24 -22.63 -14.81
N ARG A 66 -23.39 -21.85 -15.46
CA ARG A 66 -22.31 -21.06 -14.84
C ARG A 66 -22.57 -20.65 -13.39
N GLU A 67 -23.80 -20.22 -13.14
CA GLU A 67 -24.23 -19.58 -11.90
C GLU A 67 -24.84 -20.55 -10.85
N ALA A 68 -24.88 -21.86 -11.15
CA ALA A 68 -25.65 -22.83 -10.34
C ALA A 68 -24.95 -23.13 -9.06
N THR A 69 -25.72 -23.28 -7.97
CA THR A 69 -25.12 -23.63 -6.68
C THR A 69 -24.76 -25.10 -6.62
N LEU A 70 -23.87 -25.42 -5.68
CA LEU A 70 -23.48 -26.80 -5.45
C LEU A 70 -24.63 -27.64 -4.89
N ILE A 71 -25.56 -27.05 -4.14
CA ILE A 71 -26.74 -27.80 -3.72
C ILE A 71 -27.50 -28.18 -5.00
N THR A 72 -27.75 -27.18 -5.86
CA THR A 72 -28.41 -27.38 -7.16
C THR A 72 -27.68 -28.46 -7.96
N ILE A 73 -26.36 -28.35 -8.01
CA ILE A 73 -25.56 -29.31 -8.73
C ILE A 73 -25.68 -30.70 -8.11
N LYS A 74 -25.44 -30.82 -6.80
CA LYS A 74 -25.41 -32.13 -6.17
C LYS A 74 -26.74 -32.79 -6.42
N HIS A 75 -27.82 -32.13 -6.02
CA HIS A 75 -29.17 -32.67 -6.15
C HIS A 75 -29.45 -33.24 -7.56
N GLU A 76 -29.07 -32.48 -8.60
CA GLU A 76 -29.23 -32.92 -9.99
C GLU A 76 -28.30 -34.07 -10.32
N LEU A 77 -27.10 -34.07 -9.74
CA LEU A 77 -26.15 -35.15 -10.00
C LEU A 77 -26.72 -36.46 -9.54
N PHE A 78 -27.28 -36.45 -8.34
CA PHE A 78 -27.76 -37.69 -7.72
C PHE A 78 -29.08 -38.20 -8.32
N LYS A 79 -29.77 -37.39 -9.12
CA LYS A 79 -30.84 -37.91 -9.99
C LYS A 79 -30.21 -38.64 -11.19
N GLU A 80 -29.32 -37.94 -11.89
CA GLU A 80 -28.59 -38.49 -13.03
C GLU A 80 -27.72 -39.69 -12.69
N ALA A 81 -27.33 -39.85 -11.43
CA ALA A 81 -26.49 -40.96 -11.01
C ALA A 81 -27.25 -42.28 -11.04
N ARG A 82 -28.57 -42.21 -10.88
CA ARG A 82 -29.44 -43.41 -10.99
C ARG A 82 -29.40 -44.01 -12.39
N LYS A 83 -29.34 -43.17 -13.42
CA LYS A 83 -29.27 -43.66 -14.80
C LYS A 83 -27.94 -44.35 -15.17
N TYR A 84 -26.94 -44.23 -14.30
CA TYR A 84 -25.62 -44.82 -14.50
C TYR A 84 -25.51 -46.11 -13.67
N PRO A 85 -24.41 -46.91 -13.85
CA PRO A 85 -24.35 -48.16 -13.12
C PRO A 85 -23.81 -47.97 -11.72
N LEU A 86 -23.96 -49.03 -10.93
CA LEU A 86 -23.42 -49.11 -9.58
C LEU A 86 -24.05 -48.08 -8.62
N HIS A 87 -25.28 -47.64 -8.89
CA HIS A 87 -25.98 -46.65 -8.07
C HIS A 87 -26.24 -47.13 -6.63
N GLN A 88 -26.57 -48.41 -6.48
CA GLN A 88 -26.73 -49.08 -5.17
C GLN A 88 -25.55 -48.88 -4.18
N LEU A 89 -24.33 -48.72 -4.71
CA LEU A 89 -23.17 -48.35 -3.88
C LEU A 89 -23.30 -46.97 -3.19
N LEU A 90 -23.99 -46.02 -3.83
CA LEU A 90 -24.03 -44.64 -3.34
C LEU A 90 -24.95 -44.46 -2.15
N GLN A 91 -24.54 -43.58 -1.22
CA GLN A 91 -25.34 -43.23 -0.04
C GLN A 91 -26.41 -42.21 -0.43
N ASP A 92 -27.10 -41.60 0.54
CA ASP A 92 -27.93 -40.43 0.23
C ASP A 92 -26.99 -39.29 -0.17
N GLU A 93 -27.48 -38.40 -1.04
CA GLU A 93 -26.76 -37.19 -1.44
C GLU A 93 -26.18 -36.40 -0.24
N SER A 94 -26.95 -36.33 0.84
CA SER A 94 -26.56 -35.63 2.08
C SER A 94 -25.26 -36.12 2.76
N SER A 95 -24.87 -37.38 2.54
CA SER A 95 -23.66 -37.94 3.14
C SER A 95 -22.34 -37.45 2.52
N TYR A 96 -22.38 -36.59 1.51
CA TYR A 96 -21.19 -36.21 0.77
C TYR A 96 -20.97 -34.71 0.66
N ILE A 97 -19.72 -34.36 0.39
CA ILE A 97 -19.26 -32.98 0.14
C ILE A 97 -18.45 -32.96 -1.19
N PHE A 98 -18.40 -31.82 -1.87
CA PHE A 98 -17.68 -31.74 -3.16
C PHE A 98 -16.20 -31.49 -2.97
N VAL A 99 -15.39 -31.77 -3.98
CA VAL A 99 -13.95 -31.42 -3.91
C VAL A 99 -13.30 -31.28 -5.31
N SER A 100 -12.32 -30.38 -5.43
CA SER A 100 -11.70 -30.13 -6.72
C SER A 100 -10.43 -29.35 -6.55
N VAL A 101 -9.63 -29.36 -7.62
CA VAL A 101 -8.40 -28.62 -7.68
C VAL A 101 -8.68 -27.20 -8.17
N THR A 102 -8.26 -26.23 -7.36
CA THR A 102 -8.47 -24.80 -7.61
C THR A 102 -7.27 -24.22 -8.36
N GLN A 103 -7.37 -22.93 -8.73
CA GLN A 103 -6.34 -22.27 -9.55
C GLN A 103 -5.04 -21.96 -8.81
N GLU A 104 -5.13 -21.70 -7.51
CA GLU A 104 -3.95 -21.61 -6.66
C GLU A 104 -3.21 -22.96 -6.60
N ALA A 105 -3.92 -24.05 -6.90
CA ALA A 105 -3.37 -25.40 -7.18
C ALA A 105 -3.56 -26.35 -6.03
N GLU A 106 -4.23 -25.90 -4.97
CA GLU A 106 -4.61 -26.78 -3.84
C GLU A 106 -5.88 -27.52 -4.25
N ARG A 107 -6.44 -28.31 -3.33
CA ARG A 107 -7.64 -29.12 -3.59
C ARG A 107 -8.71 -28.79 -2.56
N GLU A 108 -9.52 -27.77 -2.81
CA GLU A 108 -10.47 -27.30 -1.78
C GLU A 108 -11.59 -28.30 -1.52
N GLU A 109 -12.04 -28.39 -0.27
CA GLU A 109 -13.22 -29.16 0.11
C GLU A 109 -14.39 -28.17 0.26
N PHE A 110 -15.38 -28.26 -0.64
CA PHE A 110 -16.42 -27.24 -0.76
C PHE A 110 -17.56 -27.49 0.20
N PHE A 111 -17.46 -26.88 1.39
CA PHE A 111 -18.43 -27.09 2.46
C PHE A 111 -19.65 -26.22 2.31
N ASP A 112 -19.45 -24.93 1.99
CA ASP A 112 -20.58 -23.99 1.84
C ASP A 112 -21.26 -24.23 0.51
N GLU A 113 -22.33 -25.03 0.52
CA GLU A 113 -22.94 -25.45 -0.75
C GLU A 113 -23.93 -24.42 -1.32
N THR A 114 -24.10 -23.27 -0.64
CA THR A 114 -24.75 -22.11 -1.23
C THR A 114 -23.90 -21.43 -2.28
N ARG A 115 -22.59 -21.73 -2.32
CA ARG A 115 -21.70 -21.16 -3.32
C ARG A 115 -22.02 -21.67 -4.69
N ARG A 116 -21.74 -20.82 -5.68
CA ARG A 116 -22.05 -21.10 -7.08
C ARG A 116 -20.79 -21.50 -7.82
N LEU A 117 -20.99 -22.19 -8.94
CA LEU A 117 -19.92 -22.80 -9.73
C LEU A 117 -18.86 -21.80 -10.24
N CYS A 118 -19.29 -20.60 -10.63
CA CYS A 118 -18.35 -19.56 -11.09
C CYS A 118 -17.50 -18.92 -10.01
N ASP A 119 -17.99 -18.92 -8.78
CA ASP A 119 -17.26 -18.32 -7.67
C ASP A 119 -16.20 -19.25 -7.05
N LEU A 120 -16.13 -20.51 -7.50
CA LEU A 120 -15.26 -21.54 -6.89
C LEU A 120 -13.79 -21.41 -7.23
N ARG A 121 -13.46 -20.62 -8.25
CA ARG A 121 -12.07 -20.43 -8.61
C ARG A 121 -11.47 -21.79 -9.00
N LEU A 122 -12.24 -22.60 -9.72
CA LEU A 122 -11.79 -23.92 -10.16
C LEU A 122 -10.74 -23.79 -11.23
N PHE A 123 -9.93 -24.83 -11.38
CA PHE A 123 -8.92 -24.87 -12.42
C PHE A 123 -9.54 -25.37 -13.73
N GLN A 124 -9.94 -26.64 -13.72
CA GLN A 124 -10.67 -27.27 -14.78
C GLN A 124 -12.06 -27.54 -14.18
N PRO A 125 -13.10 -27.66 -15.02
CA PRO A 125 -14.47 -27.81 -14.51
C PRO A 125 -14.88 -29.26 -14.16
N PHE A 126 -14.36 -29.77 -13.03
CA PHE A 126 -14.73 -31.11 -12.54
C PHE A 126 -14.89 -31.11 -11.02
N LEU A 127 -15.71 -32.02 -10.55
CA LEU A 127 -16.10 -32.06 -9.17
C LEU A 127 -16.04 -33.50 -8.73
N LYS A 128 -15.15 -33.82 -7.79
CA LYS A 128 -15.12 -35.14 -7.15
C LYS A 128 -15.94 -35.19 -5.84
N VAL A 129 -16.59 -36.33 -5.63
CA VAL A 129 -17.50 -36.54 -4.50
C VAL A 129 -16.78 -37.42 -3.48
N ILE A 130 -16.99 -37.11 -2.20
CA ILE A 130 -16.33 -37.81 -1.07
C ILE A 130 -17.14 -37.70 0.22
N GLU A 131 -16.73 -38.50 1.20
CA GLU A 131 -17.26 -38.40 2.56
C GLU A 131 -16.26 -37.49 3.30
N PRO A 132 -16.77 -36.50 4.07
CA PRO A 132 -15.90 -35.47 4.64
C PRO A 132 -15.03 -35.95 5.81
N VAL A 133 -13.71 -35.87 5.64
CA VAL A 133 -12.73 -36.16 6.69
C VAL A 133 -12.27 -34.89 7.42
N GLY A 134 -11.45 -35.06 8.45
CA GLY A 134 -11.03 -33.96 9.31
C GLY A 134 -12.24 -33.46 10.08
N ASN A 135 -13.06 -34.42 10.54
CA ASN A 135 -14.49 -34.23 10.98
C ASN A 135 -14.83 -32.95 11.80
N ARG A 136 -13.84 -32.33 12.44
CA ARG A 136 -13.97 -30.93 12.87
C ARG A 136 -13.93 -30.06 11.60
N GLU A 137 -15.11 -29.91 11.02
CA GLU A 137 -15.34 -29.15 9.80
C GLU A 137 -15.17 -27.65 10.10
N GLU A 138 -15.51 -27.24 11.32
CA GLU A 138 -15.28 -25.85 11.82
C GLU A 138 -13.89 -25.36 11.45
N LYS A 139 -12.88 -26.17 11.73
CA LYS A 139 -11.49 -25.75 11.57
C LYS A 139 -11.06 -25.61 10.12
N ILE A 140 -11.83 -26.19 9.19
CA ILE A 140 -11.55 -26.08 7.75
C ILE A 140 -12.41 -24.96 7.12
N LEU A 141 -12.86 -24.01 7.95
CA LEU A 141 -13.18 -22.64 7.50
C LEU A 141 -11.95 -21.73 7.91
N ASN A 142 -10.85 -22.18 7.28
CA ASN A 142 -9.66 -21.45 6.87
C ASN A 142 -9.81 -21.01 5.43
N ARG A 143 -10.73 -21.60 4.65
CA ARG A 143 -11.01 -21.10 3.30
C ARG A 143 -11.37 -19.63 3.42
N GLU A 144 -12.20 -19.31 4.43
CA GLU A 144 -12.57 -17.93 4.73
C GLU A 144 -11.30 -17.08 4.84
N ILE A 145 -10.39 -17.51 5.73
CA ILE A 145 -9.10 -16.82 5.91
C ILE A 145 -8.28 -16.74 4.61
N GLY A 146 -8.17 -17.84 3.88
CA GLY A 146 -7.45 -17.86 2.61
C GLY A 146 -8.11 -17.07 1.47
N PHE A 147 -9.44 -16.94 1.49
CA PHE A 147 -10.13 -16.16 0.46
C PHE A 147 -9.78 -14.70 0.64
N ALA A 148 -9.95 -14.22 1.87
CA ALA A 148 -9.61 -12.85 2.24
C ALA A 148 -8.16 -12.48 1.89
N ILE A 149 -7.23 -13.35 2.26
CA ILE A 149 -5.79 -13.16 2.03
C ILE A 149 -5.41 -13.32 0.56
N GLY A 150 -6.12 -14.18 -0.16
CA GLY A 150 -5.82 -14.50 -1.58
C GLY A 150 -4.72 -15.52 -1.82
N MET A 151 -4.54 -16.42 -0.86
CA MET A 151 -3.64 -17.54 -0.96
C MET A 151 -3.96 -18.47 0.19
N PRO A 152 -3.82 -19.79 -0.02
CA PRO A 152 -4.44 -20.72 0.91
C PRO A 152 -3.59 -20.91 2.16
N VAL A 153 -4.21 -21.30 3.25
CA VAL A 153 -3.50 -21.41 4.54
C VAL A 153 -2.60 -22.64 4.53
N CYS A 154 -3.00 -23.70 3.82
CA CYS A 154 -2.14 -24.87 3.60
C CYS A 154 -0.78 -24.53 2.92
N GLU A 155 -0.70 -23.42 2.18
CA GLU A 155 0.57 -22.94 1.60
C GLU A 155 1.55 -22.33 2.61
N PHE A 156 1.08 -21.94 3.79
CA PHE A 156 1.98 -21.57 4.91
C PHE A 156 2.41 -22.80 5.70
N ASP A 157 1.52 -23.79 5.82
CA ASP A 157 1.77 -25.01 6.61
C ASP A 157 3.01 -25.76 6.16
N MET A 158 3.16 -25.92 4.85
CA MET A 158 4.32 -26.60 4.29
C MET A 158 5.52 -25.66 4.03
N VAL A 159 5.63 -24.55 4.78
CA VAL A 159 6.79 -23.68 4.65
C VAL A 159 7.86 -24.17 5.62
N LYS A 160 9.07 -24.38 5.08
CA LYS A 160 10.18 -25.02 5.81
C LYS A 160 10.77 -24.13 6.88
N ASP A 161 11.28 -22.97 6.47
CA ASP A 161 11.85 -21.94 7.36
C ASP A 161 11.20 -21.89 8.79
N PRO A 162 12.04 -21.99 9.86
CA PRO A 162 11.58 -21.84 11.25
C PRO A 162 11.06 -20.46 11.65
N GLU A 163 11.67 -19.40 11.13
CA GLU A 163 11.26 -18.01 11.46
C GLU A 163 9.77 -17.79 11.22
N VAL A 164 9.31 -18.27 10.07
CA VAL A 164 7.90 -18.23 9.68
C VAL A 164 7.04 -19.00 10.67
N GLN A 165 7.45 -20.24 10.91
CA GLN A 165 6.68 -21.10 11.77
C GLN A 165 6.68 -20.56 13.20
N ASP A 166 7.81 -20.00 13.62
CA ASP A 166 7.91 -19.35 14.93
C ASP A 166 7.15 -18.04 14.97
N PHE A 167 7.14 -17.25 13.89
CA PHE A 167 6.22 -16.11 13.81
C PHE A 167 4.77 -16.53 13.98
N ARG A 168 4.35 -17.53 13.21
CA ARG A 168 2.96 -17.94 13.20
C ARG A 168 2.44 -18.33 14.59
N ARG A 169 3.23 -19.08 15.35
CA ARG A 169 2.82 -19.53 16.67
C ARG A 169 2.98 -18.41 17.68
N ASN A 170 4.06 -17.63 17.61
CA ASN A 170 4.34 -16.56 18.60
C ASN A 170 3.35 -15.38 18.60
N ILE A 171 3.02 -14.91 17.40
CA ILE A 171 2.17 -13.75 17.18
C ILE A 171 0.74 -13.92 17.78
N LEU A 172 0.30 -15.16 18.00
CA LEU A 172 -0.96 -15.42 18.73
C LEU A 172 -1.00 -14.87 20.17
N ASN A 173 0.16 -14.55 20.78
CA ASN A 173 0.20 -13.78 22.05
C ASN A 173 -0.69 -12.56 21.87
N VAL A 174 -0.46 -11.84 20.77
CA VAL A 174 -1.16 -10.58 20.43
C VAL A 174 -2.63 -10.80 20.16
N CYS A 175 -2.92 -11.71 19.25
CA CYS A 175 -4.28 -12.08 18.92
C CYS A 175 -5.08 -12.30 20.21
N LYS A 176 -4.54 -13.14 21.12
CA LYS A 176 -5.22 -13.48 22.39
C LYS A 176 -5.43 -12.24 23.24
N GLU A 177 -4.36 -11.48 23.46
CA GLU A 177 -4.43 -10.30 24.33
C GLU A 177 -5.45 -9.30 23.85
N ALA A 178 -5.48 -9.07 22.54
CA ALA A 178 -6.39 -8.11 21.93
C ALA A 178 -7.85 -8.58 21.92
N VAL A 179 -8.09 -9.89 21.85
CA VAL A 179 -9.46 -10.44 21.93
C VAL A 179 -10.00 -10.28 23.34
N ASP A 180 -9.08 -10.31 24.31
CA ASP A 180 -9.46 -10.19 25.71
C ASP A 180 -9.92 -8.78 26.08
N LEU A 181 -9.28 -7.74 25.53
CA LEU A 181 -9.82 -6.38 25.65
C LEU A 181 -11.22 -6.18 25.01
N ARG A 182 -11.48 -6.86 23.90
CA ARG A 182 -12.80 -6.81 23.25
C ARG A 182 -13.96 -7.28 24.11
N ASP A 183 -13.75 -8.32 24.91
CA ASP A 183 -14.80 -8.79 25.80
C ASP A 183 -14.45 -8.49 27.25
N LEU A 184 -13.93 -7.28 27.48
CA LEU A 184 -13.66 -6.79 28.84
C LEU A 184 -14.91 -6.12 29.46
N ASN A 185 -15.78 -5.53 28.63
CA ASN A 185 -17.09 -4.97 29.07
C ASN A 185 -18.22 -5.32 28.11
N SER A 186 -18.17 -6.51 27.52
CA SER A 186 -19.19 -6.91 26.54
C SER A 186 -20.57 -6.74 27.19
N PRO A 187 -21.55 -6.14 26.51
CA PRO A 187 -21.50 -5.84 25.10
C PRO A 187 -20.92 -4.46 24.74
N HIS A 188 -20.54 -3.63 25.71
CA HIS A 188 -20.08 -2.27 25.40
C HIS A 188 -18.74 -2.26 24.65
N SER A 189 -17.73 -2.91 25.19
CA SER A 189 -16.44 -3.00 24.48
C SER A 189 -16.58 -3.57 23.08
N ARG A 190 -17.38 -4.63 22.92
CA ARG A 190 -17.60 -5.21 21.61
C ARG A 190 -18.15 -4.18 20.61
N ALA A 191 -19.13 -3.37 21.05
CA ALA A 191 -19.71 -2.30 20.19
C ALA A 191 -18.73 -1.16 20.00
N MET A 192 -17.91 -0.92 21.00
CA MET A 192 -16.80 0.03 20.87
C MET A 192 -15.67 -0.45 19.90
N TYR A 193 -15.43 -1.77 19.78
CA TYR A 193 -14.52 -2.33 18.77
C TYR A 193 -15.12 -2.12 17.37
N VAL A 194 -16.31 -2.68 17.18
CA VAL A 194 -16.98 -2.65 15.88
C VAL A 194 -17.35 -1.24 15.41
N TYR A 195 -17.86 -0.39 16.30
CA TYR A 195 -18.34 0.93 15.93
C TYR A 195 -17.67 2.03 16.75
N PRO A 196 -16.33 2.12 16.66
CA PRO A 196 -15.54 3.09 17.45
C PRO A 196 -15.84 4.53 17.14
N PRO A 197 -15.53 5.43 18.08
CA PRO A 197 -15.98 6.80 17.95
C PRO A 197 -15.09 7.65 17.01
N ASN A 198 -15.67 8.17 15.94
CA ASN A 198 -14.91 8.82 14.88
C ASN A 198 -14.75 10.30 15.18
N VAL A 199 -13.58 10.61 15.72
CA VAL A 199 -13.40 11.73 16.63
C VAL A 199 -12.08 12.47 16.33
N GLU A 200 -12.15 13.81 16.34
CA GLU A 200 -11.01 14.69 16.05
C GLU A 200 -9.97 14.62 17.15
N SER A 201 -8.81 15.19 16.85
CA SER A 201 -7.64 15.06 17.72
C SER A 201 -7.81 15.72 19.11
N SER A 202 -8.26 16.98 19.11
CA SER A 202 -8.47 17.76 20.34
C SER A 202 -9.92 18.20 20.51
N PRO A 203 -10.43 18.25 21.77
CA PRO A 203 -11.76 18.83 21.99
C PRO A 203 -11.74 20.37 21.90
N GLU A 204 -10.59 20.99 22.19
CA GLU A 204 -10.31 22.38 21.78
C GLU A 204 -10.75 22.64 20.33
N LEU A 205 -11.38 23.79 20.11
CA LEU A 205 -12.00 24.11 18.81
C LEU A 205 -11.18 25.19 18.08
N PRO A 206 -11.17 25.20 16.73
CA PRO A 206 -10.64 26.36 16.01
C PRO A 206 -11.58 27.57 16.10
N LYS A 207 -10.99 28.78 16.04
CA LYS A 207 -11.74 30.02 16.20
C LYS A 207 -12.70 30.30 15.05
N HIS A 208 -12.26 30.06 13.82
CA HIS A 208 -13.14 30.18 12.63
C HIS A 208 -14.33 29.19 12.61
N ILE A 209 -14.18 28.07 13.32
CA ILE A 209 -15.28 27.14 13.60
C ILE A 209 -16.18 27.70 14.72
N TYR A 210 -15.56 28.12 15.82
CA TYR A 210 -16.30 28.68 16.96
C TYR A 210 -17.22 29.79 16.48
N ASN A 211 -16.66 30.78 15.77
CA ASN A 211 -17.45 31.93 15.26
C ASN A 211 -18.69 31.54 14.47
N LYS A 212 -18.66 30.37 13.84
CA LYS A 212 -19.86 29.84 13.21
C LYS A 212 -20.83 29.17 14.20
N LEU A 213 -20.85 29.60 15.48
CA LEU A 213 -21.67 28.91 16.50
C LEU A 213 -22.74 29.76 17.17
N ASP A 214 -22.83 31.06 16.88
CA ASP A 214 -23.62 31.99 17.73
C ASP A 214 -23.56 31.62 19.24
N LYS A 215 -22.42 31.97 19.84
CA LYS A 215 -22.12 31.75 21.26
C LYS A 215 -22.23 30.29 21.64
N GLY A 216 -21.20 29.54 21.24
CA GLY A 216 -21.03 28.13 21.56
C GLY A 216 -22.26 27.25 21.51
N GLN A 217 -23.06 27.36 20.45
CA GLN A 217 -24.30 26.58 20.31
C GLN A 217 -24.72 26.09 18.91
N ILE A 218 -25.13 24.82 18.86
CA ILE A 218 -25.49 24.15 17.61
C ILE A 218 -26.96 23.82 17.71
N ILE A 219 -27.69 24.00 16.62
CA ILE A 219 -28.99 23.36 16.50
C ILE A 219 -28.68 21.95 15.99
N VAL A 220 -29.32 20.95 16.58
CA VAL A 220 -29.09 19.55 16.28
C VAL A 220 -30.47 18.97 16.05
N VAL A 221 -30.60 17.82 15.43
CA VAL A 221 -31.92 17.21 15.23
C VAL A 221 -31.84 15.77 15.67
N ILE A 222 -32.61 15.41 16.69
CA ILE A 222 -32.62 14.04 17.16
C ILE A 222 -33.89 13.40 16.65
N TRP A 223 -33.73 12.29 15.94
CA TRP A 223 -34.83 11.59 15.33
C TRP A 223 -35.15 10.37 16.16
N VAL A 224 -36.33 9.82 15.91
CA VAL A 224 -36.87 8.74 16.73
C VAL A 224 -37.85 7.95 15.86
N ILE A 225 -38.07 6.69 16.19
CA ILE A 225 -39.04 5.88 15.47
C ILE A 225 -39.94 5.21 16.51
N VAL A 226 -41.25 5.16 16.24
CA VAL A 226 -42.22 4.60 17.18
C VAL A 226 -43.10 3.55 16.49
N PRO A 228 -46.42 2.37 12.13
CA PRO A 228 -45.84 2.64 13.43
C PRO A 228 -44.32 2.92 13.31
N ASN A 229 -43.54 1.88 13.00
CA ASN A 229 -42.12 2.06 12.66
C ASN A 229 -41.99 3.02 11.48
N ASN A 230 -42.85 2.82 10.47
CA ASN A 230 -42.89 3.67 9.27
C ASN A 230 -42.72 5.16 9.59
N ASP A 231 -43.46 5.67 10.58
CA ASP A 231 -43.43 7.11 10.93
C ASP A 231 -42.34 7.45 11.95
N LYS A 232 -41.72 8.61 11.72
CA LYS A 232 -40.51 9.09 12.37
C LYS A 232 -40.79 10.51 12.83
N GLN A 233 -40.00 11.02 13.78
CA GLN A 233 -40.29 12.33 14.39
C GLN A 233 -39.06 13.10 14.87
N LYS A 234 -38.78 14.22 14.18
CA LYS A 234 -37.74 15.22 14.56
C LYS A 234 -37.90 15.83 15.94
N TYR A 235 -36.79 16.20 16.59
CA TYR A 235 -36.81 17.08 17.81
C TYR A 235 -35.61 18.02 17.87
N THR A 236 -35.79 19.24 17.38
CA THR A 236 -34.70 20.19 17.26
C THR A 236 -34.24 20.78 18.59
N LEU A 237 -33.23 20.17 19.19
CA LEU A 237 -32.51 20.76 20.34
C LEU A 237 -31.60 21.88 19.87
N LYS A 238 -31.38 22.88 20.72
CA LYS A 238 -30.32 23.86 20.51
C LYS A 238 -29.47 23.82 21.75
N ILE A 239 -28.37 23.10 21.67
CA ILE A 239 -27.56 22.78 22.84
C ILE A 239 -26.13 23.28 22.69
N ASN A 240 -25.38 23.27 23.79
CA ASN A 240 -23.99 23.69 23.76
C ASN A 240 -23.13 22.70 23.00
N HIS A 241 -22.14 23.22 22.29
CA HIS A 241 -21.33 22.38 21.43
C HIS A 241 -20.50 21.37 22.25
N ASP A 242 -20.02 21.80 23.42
CA ASP A 242 -19.14 20.94 24.20
C ASP A 242 -19.86 19.97 25.14
N CYS A 243 -21.18 19.83 25.02
CA CYS A 243 -21.90 18.84 25.84
C CYS A 243 -21.77 17.42 25.23
N VAL A 244 -22.01 16.41 26.05
CA VAL A 244 -21.74 15.03 25.64
C VAL A 244 -23.00 14.39 25.08
N PRO A 245 -22.91 13.13 24.60
CA PRO A 245 -24.07 12.48 24.01
C PRO A 245 -25.15 12.12 25.00
N GLU A 246 -24.78 11.61 26.17
CA GLU A 246 -25.77 11.26 27.18
C GLU A 246 -26.70 12.44 27.52
N GLN A 247 -26.15 13.65 27.52
CA GLN A 247 -26.90 14.89 27.77
C GLN A 247 -27.89 15.23 26.67
N VAL A 248 -27.37 15.22 25.44
CA VAL A 248 -28.16 15.35 24.23
C VAL A 248 -29.30 14.32 24.22
N ILE A 249 -29.02 13.06 24.62
CA ILE A 249 -30.04 11.99 24.65
C ILE A 249 -31.18 12.29 25.65
N ALA A 250 -30.82 12.73 26.85
CA ALA A 250 -31.79 13.15 27.87
C ALA A 250 -32.71 14.23 27.31
N GLU A 251 -32.09 15.33 26.84
CA GLU A 251 -32.80 16.47 26.23
C GLU A 251 -33.82 16.03 25.17
N ALA A 252 -33.48 15.09 24.32
CA ALA A 252 -34.43 14.63 23.31
C ALA A 252 -35.52 13.76 23.93
N ILE A 253 -35.20 13.05 25.01
CA ILE A 253 -36.22 12.31 25.72
C ILE A 253 -37.20 13.25 26.44
N ARG A 254 -36.67 14.29 27.11
CA ARG A 254 -37.54 15.36 27.70
C ARG A 254 -38.58 15.81 26.71
N LYS A 255 -38.11 16.34 25.58
CA LYS A 255 -38.96 16.83 24.50
C LYS A 255 -40.02 15.83 23.95
N LYS A 256 -39.64 14.58 23.68
CA LYS A 256 -40.62 13.57 23.24
C LYS A 256 -41.75 13.42 24.27
N THR A 257 -41.37 13.31 25.55
CA THR A 257 -42.25 12.86 26.64
C THR A 257 -42.90 13.95 27.50
N ARG A 258 -42.49 15.23 27.43
CA ARG A 258 -43.27 16.34 28.03
C ARG A 258 -44.71 16.15 27.59
N SER A 259 -45.69 16.40 28.46
CA SER A 259 -47.10 16.32 28.08
C SER A 259 -48.03 17.07 29.01
N MET A 260 -49.26 17.29 28.53
CA MET A 260 -50.34 17.82 29.38
C MET A 260 -50.85 16.81 30.41
N LEU A 261 -50.28 15.61 30.44
CA LEU A 261 -50.58 14.60 31.44
C LEU A 261 -49.42 14.23 32.38
N LEU A 262 -48.23 14.80 32.19
CA LEU A 262 -47.12 14.51 33.11
C LEU A 262 -46.68 15.75 33.82
N SER A 263 -46.68 15.68 35.15
CA SER A 263 -46.10 16.73 35.97
C SER A 263 -44.63 16.86 35.68
N SER A 264 -44.04 17.97 36.10
CA SER A 264 -42.59 18.13 36.03
C SER A 264 -41.88 16.91 36.65
N GLU A 265 -42.16 16.61 37.91
CA GLU A 265 -41.47 15.49 38.55
C GLU A 265 -41.74 14.16 37.81
N GLN A 266 -42.99 13.92 37.38
CA GLN A 266 -43.31 12.74 36.57
C GLN A 266 -42.39 12.60 35.33
N LEU A 267 -42.02 13.72 34.73
CA LEU A 267 -41.10 13.75 33.58
C LEU A 267 -39.68 13.33 34.00
N LYS A 268 -39.14 13.92 35.07
CA LYS A 268 -37.83 13.53 35.61
C LYS A 268 -37.69 12.03 35.87
N LEU A 269 -38.77 11.41 36.36
CA LEU A 269 -38.79 9.96 36.61
C LEU A 269 -38.96 9.17 35.31
N CYS A 270 -39.57 9.77 34.30
CA CYS A 270 -39.60 9.17 32.95
C CYS A 270 -38.27 9.28 32.19
N VAL A 271 -37.45 10.33 32.43
CA VAL A 271 -36.15 10.41 31.75
C VAL A 271 -35.16 9.45 32.38
N LEU A 272 -35.24 9.27 33.69
CA LEU A 272 -34.25 8.45 34.36
C LEU A 272 -34.34 6.98 33.96
N GLU A 273 -35.55 6.43 33.87
CA GLU A 273 -35.71 5.08 33.32
C GLU A 273 -35.17 5.02 31.89
N TYR A 274 -35.54 6.02 31.06
CA TYR A 274 -35.20 6.04 29.63
C TYR A 274 -33.73 6.43 29.29
N GLN A 275 -33.09 7.29 30.09
CA GLN A 275 -31.85 8.00 29.67
C GLN A 275 -30.70 7.11 29.16
N GLY A 276 -30.56 5.91 29.76
CA GLY A 276 -29.50 4.97 29.43
C GLY A 276 -29.90 3.74 28.64
N LYS A 277 -31.08 3.70 28.06
CA LYS A 277 -31.45 2.60 27.17
C LYS A 277 -31.20 2.95 25.69
N TYR A 278 -30.64 4.14 25.45
CA TYR A 278 -30.43 4.67 24.10
C TYR A 278 -29.01 5.15 23.89
N ILE A 279 -28.60 5.15 22.62
CA ILE A 279 -27.36 5.79 22.15
C ILE A 279 -27.58 6.55 20.85
N LEU A 280 -26.72 7.54 20.61
CA LEU A 280 -26.78 8.33 19.38
C LEU A 280 -26.06 7.69 18.15
N LYS A 281 -26.85 7.52 17.09
CA LYS A 281 -26.37 7.13 15.78
C LYS A 281 -26.43 8.34 14.80
N VAL A 282 -25.51 8.43 13.83
CA VAL A 282 -25.65 9.39 12.71
C VAL A 282 -26.70 8.88 11.73
N CYS A 283 -27.58 9.77 11.28
CA CYS A 283 -28.55 9.44 10.25
C CYS A 283 -27.80 9.22 8.95
N GLY A 284 -28.02 8.07 8.31
CA GLY A 284 -27.49 7.79 6.98
C GLY A 284 -26.23 6.95 6.88
N CYS A 285 -25.62 6.62 8.02
CA CYS A 285 -24.46 5.73 8.02
C CYS A 285 -24.23 5.11 9.38
N ASP A 286 -23.43 4.05 9.43
CA ASP A 286 -23.17 3.37 10.69
C ASP A 286 -22.01 4.02 11.42
N GLU A 287 -22.30 5.18 12.01
CA GLU A 287 -21.42 5.82 12.99
C GLU A 287 -22.28 5.98 14.26
N TYR A 288 -21.66 5.82 15.43
CA TYR A 288 -22.34 6.02 16.71
C TYR A 288 -21.49 6.91 17.62
N PHE A 289 -22.09 7.40 18.69
CA PHE A 289 -21.44 8.36 19.60
C PHE A 289 -21.17 7.73 20.99
N LEU A 290 -20.60 6.55 21.01
CA LEU A 290 -20.58 5.74 22.25
C LEU A 290 -19.71 6.28 23.41
N GLU A 291 -18.89 7.29 23.16
CA GLU A 291 -17.97 7.79 24.16
C GLU A 291 -18.24 9.23 24.60
N LYS A 292 -18.10 9.48 25.89
CA LYS A 292 -18.12 10.84 26.46
C LYS A 292 -17.06 11.68 25.79
N TYR A 293 -17.42 12.29 24.69
CA TYR A 293 -16.65 13.39 24.20
C TYR A 293 -17.63 14.51 24.00
N PRO A 294 -17.15 15.76 24.06
CA PRO A 294 -17.89 16.88 23.46
C PRO A 294 -18.45 16.53 22.09
N LEU A 295 -19.73 16.81 21.84
CA LEU A 295 -20.29 16.55 20.50
C LEU A 295 -19.42 17.10 19.37
N SER A 296 -18.88 18.31 19.59
CA SER A 296 -17.95 18.96 18.67
C SER A 296 -16.73 18.14 18.29
N GLN A 297 -16.20 17.39 19.25
CA GLN A 297 -15.06 16.49 18.97
C GLN A 297 -15.37 15.25 18.08
N TYR A 298 -16.64 14.97 17.79
CA TYR A 298 -16.98 13.98 16.75
C TYR A 298 -16.91 14.60 15.37
N LYS A 299 -16.37 13.86 14.43
CA LYS A 299 -16.06 14.45 13.14
C LYS A 299 -17.32 14.94 12.42
N TYR A 300 -18.38 14.15 12.49
CA TYR A 300 -19.68 14.50 11.85
C TYR A 300 -20.24 15.87 12.22
N ILE A 301 -20.10 16.22 13.49
CA ILE A 301 -20.57 17.49 14.05
C ILE A 301 -19.67 18.53 13.46
N ARG A 302 -18.38 18.40 13.73
CA ARG A 302 -17.42 19.35 13.21
C ARG A 302 -17.47 19.51 11.66
N SER A 303 -17.89 18.47 10.93
CA SER A 303 -18.21 18.61 9.50
C SER A 303 -19.41 19.47 9.21
N CYS A 304 -20.49 19.26 9.96
CA CYS A 304 -21.73 20.01 9.75
C CYS A 304 -21.55 21.52 9.99
N ILE A 305 -20.78 21.87 11.03
CA ILE A 305 -20.52 23.28 11.38
C ILE A 305 -19.87 24.05 10.23
N MET A 306 -18.91 23.40 9.57
CA MET A 306 -18.16 23.98 8.47
C MET A 306 -19.01 24.12 7.22
N LEU A 307 -19.76 23.06 6.90
CA LEU A 307 -20.64 23.06 5.74
C LEU A 307 -21.97 23.80 5.94
N GLY A 308 -22.23 24.29 7.16
CA GLY A 308 -23.46 25.04 7.49
C GLY A 308 -24.67 24.12 7.42
N ARG A 309 -24.53 22.97 8.09
CA ARG A 309 -25.50 21.87 8.07
C ARG A 309 -25.94 21.57 9.47
N MET A 310 -27.08 20.92 9.55
CA MET A 310 -27.69 20.65 10.84
C MET A 310 -27.54 19.17 11.20
N PRO A 311 -26.70 18.87 12.22
CA PRO A 311 -26.47 17.47 12.52
C PRO A 311 -27.78 16.74 12.67
N ASN A 312 -27.90 15.58 12.04
CA ASN A 312 -29.05 14.70 12.18
C ASN A 312 -28.65 13.38 12.78
N LEU A 313 -29.02 13.22 14.05
CA LEU A 313 -28.70 12.03 14.81
C LEU A 313 -29.95 11.16 14.90
N MET A 314 -29.82 10.00 15.50
CA MET A 314 -30.93 9.09 15.71
C MET A 314 -30.84 8.45 17.09
N LEU A 315 -31.95 8.40 17.82
CA LEU A 315 -32.00 7.61 19.05
C LEU A 315 -32.16 6.18 18.64
N MET A 316 -31.15 5.38 18.93
CA MET A 316 -31.15 3.96 18.69
C MET A 316 -31.04 3.29 20.06
N ALA A 317 -31.99 2.41 20.36
CA ALA A 317 -31.94 1.65 21.60
C ALA A 317 -30.78 0.65 21.59
N LYS A 318 -30.17 0.46 22.75
CA LYS A 318 -28.98 -0.39 22.83
C LYS A 318 -29.24 -1.87 22.65
N GLU A 319 -30.46 -2.34 22.91
CA GLU A 319 -30.74 -3.76 22.71
C GLU A 319 -30.83 -4.04 21.22
N SER A 320 -31.42 -3.12 20.46
CA SER A 320 -31.44 -3.29 18.99
C SER A 320 -30.04 -3.10 18.36
N LEU A 321 -29.12 -2.43 19.08
CA LEU A 321 -27.69 -2.37 18.68
C LEU A 321 -26.91 -3.60 19.06
N TYR A 322 -27.07 -4.09 20.28
CA TYR A 322 -26.40 -5.35 20.67
C TYR A 322 -27.09 -6.60 20.05
N SER A 323 -28.36 -6.47 19.67
CA SER A 323 -29.02 -7.46 18.83
C SER A 323 -28.32 -7.55 17.47
N GLN A 324 -27.97 -6.40 16.88
CA GLN A 324 -27.18 -6.37 15.63
C GLN A 324 -25.80 -7.02 15.80
N LEU A 325 -25.14 -6.81 16.95
CA LEU A 325 -23.77 -7.32 17.17
C LEU A 325 -23.69 -8.84 17.21
N PRO A 326 -22.50 -9.41 16.92
CA PRO A 326 -22.32 -10.86 16.86
C PRO A 326 -21.74 -11.47 18.15
N MET A 327 -21.10 -12.63 18.04
CA MET A 327 -20.06 -13.05 18.99
C MET A 327 -18.83 -13.44 18.17
N ASP A 328 -17.67 -12.89 18.52
CA ASP A 328 -16.43 -13.10 17.75
C ASP A 328 -15.92 -14.54 17.88
N CYS A 329 -16.00 -15.09 19.11
CA CYS A 329 -15.56 -16.44 19.47
C CYS A 329 -14.26 -16.86 18.78
N PHE A 330 -13.16 -16.30 19.28
CA PHE A 330 -11.82 -16.61 18.77
C PHE A 330 -11.41 -18.01 19.19
N THR A 331 -10.92 -18.80 18.23
CA THR A 331 -10.48 -20.16 18.47
C THR A 331 -8.99 -20.27 18.23
N MET A 332 -8.26 -20.83 19.20
CA MET A 332 -6.84 -21.14 19.03
C MET A 332 -6.66 -22.23 17.98
N PRO A 333 -5.72 -22.02 17.06
CA PRO A 333 -5.58 -22.89 15.89
C PRO A 333 -5.02 -24.28 16.23
N SER A 334 -4.87 -25.12 15.20
CA SER A 334 -4.21 -26.43 15.33
C SER A 334 -2.70 -26.30 15.52
N TYR A 335 -2.07 -25.33 14.83
CA TYR A 335 -0.64 -25.02 15.03
C TYR A 335 -0.36 -24.29 16.38
N SER A 336 -0.77 -24.89 17.50
CA SER A 336 -0.83 -24.23 18.83
C SER A 336 -1.65 -22.93 18.79
N THR A 352 26.97 -22.49 22.86
CA THR A 352 27.02 -21.28 22.04
C THR A 352 28.42 -20.63 22.09
N LYS A 353 28.56 -19.46 21.47
CA LYS A 353 29.76 -18.61 21.60
C LYS A 353 29.40 -17.13 21.45
N SER A 354 29.74 -16.30 22.44
CA SER A 354 29.53 -14.85 22.32
C SER A 354 30.30 -14.31 21.10
N LEU A 355 29.62 -13.51 20.31
CA LEU A 355 30.21 -12.90 19.14
C LEU A 355 31.50 -12.18 19.49
N TRP A 356 31.59 -11.63 20.70
CA TRP A 356 32.72 -10.79 21.08
C TRP A 356 34.01 -11.56 21.39
N VAL A 357 33.90 -12.86 21.56
CA VAL A 357 35.07 -13.75 21.67
C VAL A 357 35.81 -13.89 20.32
N ILE A 358 35.08 -13.94 19.20
CA ILE A 358 35.62 -14.34 17.88
C ILE A 358 36.74 -13.38 17.47
N ASN A 359 37.98 -13.83 17.53
CA ASN A 359 39.13 -12.94 17.37
C ASN A 359 39.62 -12.86 15.92
N SER A 360 38.77 -12.40 15.01
CA SER A 360 39.18 -12.22 13.59
C SER A 360 38.43 -11.11 12.86
N ALA A 361 38.89 -10.79 11.65
CA ALA A 361 38.20 -9.87 10.75
C ALA A 361 37.22 -10.68 9.90
N LEU A 362 36.24 -9.99 9.32
CA LEU A 362 35.20 -10.67 8.55
C LEU A 362 35.71 -11.12 7.19
N ARG A 363 35.33 -12.35 6.84
CA ARG A 363 35.49 -12.83 5.50
C ARG A 363 34.33 -13.70 5.07
N ILE A 364 34.01 -13.57 3.77
CA ILE A 364 32.89 -14.23 3.14
C ILE A 364 33.35 -14.75 1.79
N LYS A 365 33.03 -16.00 1.50
CA LYS A 365 33.47 -16.67 0.26
C LYS A 365 32.41 -16.57 -0.84
N ILE A 366 32.76 -15.89 -1.94
CA ILE A 366 31.96 -15.89 -3.17
C ILE A 366 32.34 -17.13 -3.98
N LEU A 367 31.34 -17.89 -4.45
CA LEU A 367 31.58 -19.16 -5.19
C LEU A 367 31.18 -19.10 -6.68
N CYS A 368 29.88 -19.06 -6.97
CA CYS A 368 29.38 -19.12 -8.35
C CYS A 368 27.93 -18.64 -8.52
N ALA A 369 27.74 -17.75 -9.47
CA ALA A 369 26.41 -17.47 -10.00
C ALA A 369 26.16 -18.53 -11.07
N THR A 370 24.90 -18.96 -11.20
CA THR A 370 24.54 -20.01 -12.16
C THR A 370 23.77 -19.50 -13.40
N TYR A 371 22.89 -18.52 -13.22
CA TYR A 371 21.87 -18.18 -14.21
C TYR A 371 21.98 -16.69 -14.64
N VAL A 372 23.16 -16.29 -15.10
CA VAL A 372 23.39 -14.88 -15.49
C VAL A 372 23.14 -14.63 -16.99
N ASN A 373 22.22 -13.71 -17.29
CA ASN A 373 21.87 -13.32 -18.67
C ASN A 373 22.77 -12.20 -19.17
N VAL A 374 23.85 -12.59 -19.84
CA VAL A 374 24.81 -11.63 -20.38
C VAL A 374 25.16 -11.94 -21.84
N ASN A 375 25.05 -10.89 -22.65
CA ASN A 375 25.44 -10.86 -24.06
C ASN A 375 26.94 -10.64 -24.17
N ILE A 376 27.62 -11.53 -24.88
CA ILE A 376 29.09 -11.50 -24.89
C ILE A 376 29.59 -10.32 -25.75
N ARG A 377 28.76 -9.86 -26.70
CA ARG A 377 29.15 -8.86 -27.71
C ARG A 377 29.34 -7.42 -27.21
N ASP A 378 28.60 -7.00 -26.19
CA ASP A 378 28.79 -5.68 -25.58
C ASP A 378 29.64 -5.79 -24.32
N ILE A 379 29.45 -6.84 -23.53
CA ILE A 379 29.96 -6.88 -22.16
C ILE A 379 31.43 -7.35 -22.12
N ASP A 380 32.28 -6.55 -21.45
CA ASP A 380 33.67 -6.92 -21.18
C ASP A 380 33.66 -8.00 -20.10
N LYS A 381 33.42 -7.58 -18.85
CA LYS A 381 33.72 -8.38 -17.67
C LYS A 381 32.71 -8.16 -16.54
N ILE A 382 32.52 -9.19 -15.73
CA ILE A 382 31.57 -9.20 -14.60
C ILE A 382 32.20 -9.72 -13.30
N TYR A 383 31.88 -9.03 -12.20
CA TYR A 383 32.42 -9.31 -10.87
C TYR A 383 31.31 -9.15 -9.83
N VAL A 384 31.50 -9.73 -8.65
CA VAL A 384 30.58 -9.52 -7.55
C VAL A 384 31.10 -8.43 -6.65
N ARG A 385 30.44 -7.28 -6.67
CA ARG A 385 30.69 -6.21 -5.69
C ARG A 385 30.02 -6.62 -4.36
N THR A 386 30.62 -6.21 -3.23
CA THR A 386 30.09 -6.53 -1.89
C THR A 386 30.35 -5.39 -0.90
N GLY A 387 29.66 -5.45 0.23
CA GLY A 387 29.82 -4.50 1.32
C GLY A 387 29.03 -4.98 2.51
N ILE A 388 29.40 -4.54 3.70
CA ILE A 388 28.56 -4.74 4.87
C ILE A 388 27.85 -3.40 5.01
N TYR A 389 26.67 -3.39 5.64
CA TYR A 389 25.86 -2.16 5.80
C TYR A 389 25.05 -2.06 7.10
N HIS A 390 24.63 -0.82 7.41
CA HIS A 390 23.72 -0.49 8.52
C HIS A 390 22.68 0.61 8.04
N GLY A 391 22.14 0.46 6.83
CA GLY A 391 21.53 1.57 6.09
C GLY A 391 22.62 2.24 5.25
N GLY A 392 23.49 3.03 5.89
CA GLY A 392 24.82 3.46 5.36
C GLY A 392 25.98 2.48 5.68
N GLU A 393 27.16 2.71 5.07
CA GLU A 393 28.33 1.74 5.08
C GLU A 393 29.20 1.72 6.39
N PRO A 394 29.66 0.52 6.88
CA PRO A 394 30.56 0.44 8.05
C PRO A 394 32.04 0.08 7.76
N LEU A 395 32.42 -0.10 6.49
CA LEU A 395 33.82 -0.37 6.12
C LEU A 395 34.01 -0.29 4.62
N CYS A 396 35.27 -0.25 4.21
CA CYS A 396 35.63 -0.23 2.80
C CYS A 396 34.79 -1.21 2.01
N ASP A 397 33.83 -0.66 1.26
CA ASP A 397 33.11 -1.42 0.25
C ASP A 397 34.13 -1.93 -0.76
N ASN A 398 34.12 -3.24 -1.02
CA ASN A 398 35.07 -3.85 -1.96
C ASN A 398 34.39 -4.49 -3.17
N VAL A 399 35.19 -5.07 -4.05
CA VAL A 399 34.74 -5.89 -5.17
C VAL A 399 35.33 -7.29 -4.98
N ASN A 400 35.37 -8.08 -6.05
CA ASN A 400 36.37 -9.12 -6.19
C ASN A 400 37.01 -9.03 -7.57
N THR A 401 38.04 -9.84 -7.84
CA THR A 401 38.73 -9.80 -9.15
C THR A 401 37.76 -10.21 -10.29
N GLN A 402 38.00 -9.68 -11.49
CA GLN A 402 37.03 -9.71 -12.63
C GLN A 402 36.94 -11.07 -13.36
N ARG A 403 36.94 -12.13 -12.55
CA ARG A 403 37.21 -13.49 -13.01
C ARG A 403 36.04 -14.10 -13.78
N VAL A 404 36.39 -15.08 -14.63
CA VAL A 404 35.48 -15.83 -15.52
C VAL A 404 34.31 -14.97 -16.04
N PRO A 405 34.64 -13.88 -16.76
CA PRO A 405 33.62 -12.93 -17.21
C PRO A 405 32.66 -13.52 -18.25
N CYS A 406 31.47 -12.92 -18.37
CA CYS A 406 30.38 -13.46 -19.18
C CYS A 406 30.18 -14.97 -18.86
N SER A 407 30.29 -15.87 -19.84
CA SER A 407 29.96 -17.30 -19.62
C SER A 407 30.85 -17.99 -18.58
N ASN A 408 30.39 -19.14 -18.10
CA ASN A 408 31.11 -19.96 -17.12
C ASN A 408 31.29 -19.33 -15.70
N PRO A 409 30.51 -18.27 -15.35
CA PRO A 409 30.93 -17.35 -14.26
C PRO A 409 31.06 -17.98 -12.87
N ARG A 410 32.25 -17.81 -12.29
CA ARG A 410 32.69 -18.48 -11.07
C ARG A 410 33.90 -17.74 -10.52
N TRP A 411 33.83 -17.40 -9.23
CA TRP A 411 34.96 -16.85 -8.48
C TRP A 411 35.13 -17.82 -7.33
N ASN A 412 36.37 -18.08 -6.93
CA ASN A 412 36.59 -18.72 -5.64
C ASN A 412 37.58 -17.89 -4.89
N GLU A 413 37.04 -16.89 -4.20
CA GLU A 413 37.81 -16.03 -3.31
C GLU A 413 37.07 -15.90 -1.99
N TRP A 414 37.80 -16.01 -0.87
CA TRP A 414 37.33 -15.38 0.36
C TRP A 414 37.55 -13.90 0.14
N LEU A 415 36.50 -13.10 0.36
CA LEU A 415 36.66 -11.65 0.44
C LEU A 415 37.00 -11.28 1.88
N ASN A 416 37.87 -10.28 2.04
CA ASN A 416 38.39 -9.86 3.34
C ASN A 416 38.01 -8.43 3.68
N TYR A 417 37.14 -8.25 4.70
CA TYR A 417 36.55 -6.95 5.06
C TYR A 417 37.21 -6.35 6.30
N ASP A 418 37.74 -5.13 6.21
CA ASP A 418 38.36 -4.48 7.39
C ASP A 418 37.32 -4.01 8.43
N ILE A 419 36.98 -4.95 9.29
CA ILE A 419 36.17 -4.71 10.46
C ILE A 419 36.32 -5.98 11.30
N TYR A 420 36.37 -5.91 12.63
CA TYR A 420 36.45 -7.15 13.44
C TYR A 420 35.06 -7.75 13.61
N ILE A 421 35.00 -9.07 13.77
CA ILE A 421 33.75 -9.81 14.00
C ILE A 421 32.90 -9.29 15.19
N PRO A 422 33.55 -8.81 16.29
CA PRO A 422 32.78 -8.24 17.41
C PRO A 422 32.23 -6.83 17.18
N ASP A 423 32.90 -6.07 16.32
CA ASP A 423 32.46 -4.72 15.96
C ASP A 423 31.15 -4.66 15.12
N LEU A 424 30.80 -5.75 14.43
CA LEU A 424 29.50 -5.90 13.75
C LEU A 424 28.28 -5.61 14.66
N PRO A 425 27.46 -4.61 14.30
CA PRO A 425 26.28 -4.27 15.11
C PRO A 425 25.13 -5.18 14.80
N ARG A 426 24.21 -5.33 15.76
CA ARG A 426 23.11 -6.33 15.68
C ARG A 426 22.43 -6.39 14.31
N ALA A 427 22.25 -5.22 13.70
CA ALA A 427 21.52 -5.09 12.45
C ALA A 427 22.45 -4.94 11.27
N ALA A 428 23.42 -5.82 11.17
CA ALA A 428 24.41 -5.73 10.09
C ALA A 428 23.91 -6.58 8.96
N ARG A 429 24.26 -6.21 7.74
CA ARG A 429 23.72 -6.89 6.57
C ARG A 429 24.72 -6.86 5.43
N LEU A 430 24.91 -8.02 4.82
CA LEU A 430 25.65 -8.16 3.57
C LEU A 430 24.76 -7.74 2.41
N CYS A 431 25.26 -6.80 1.60
CA CYS A 431 24.64 -6.43 0.33
C CYS A 431 25.62 -6.72 -0.78
N LEU A 432 25.16 -7.34 -1.85
CA LEU A 432 26.00 -7.60 -3.00
C LEU A 432 25.22 -7.38 -4.27
N SER A 433 25.97 -7.44 -5.38
CA SER A 433 25.47 -7.27 -6.74
C SER A 433 26.47 -7.79 -7.78
N ILE A 434 25.96 -8.43 -8.83
CA ILE A 434 26.77 -8.84 -9.97
C ILE A 434 26.74 -7.69 -10.97
N CYS A 435 27.91 -7.13 -11.28
CA CYS A 435 28.01 -5.92 -12.10
C CYS A 435 28.75 -6.18 -13.43
N SER A 436 28.70 -5.17 -14.31
CA SER A 436 29.38 -5.16 -15.63
C SER A 436 30.39 -4.02 -15.71
N VAL A 437 31.28 -4.04 -16.72
CA VAL A 437 32.14 -2.88 -17.04
C VAL A 437 32.18 -2.64 -18.55
N HIS A 447 30.81 0.55 -15.96
CA HIS A 447 30.27 0.00 -14.71
C HIS A 447 28.74 0.00 -14.72
N CYS A 448 28.12 -1.13 -14.40
CA CYS A 448 26.65 -1.28 -14.49
C CYS A 448 26.15 -2.55 -13.75
N PRO A 449 25.13 -2.43 -12.86
CA PRO A 449 24.59 -3.65 -12.20
C PRO A 449 23.71 -4.56 -13.10
N LEU A 450 23.82 -5.87 -12.90
CA LEU A 450 22.95 -6.88 -13.56
C LEU A 450 21.82 -7.36 -12.65
N ALA A 451 22.22 -7.78 -11.44
CA ALA A 451 21.30 -8.28 -10.42
C ALA A 451 21.71 -7.72 -9.06
N TRP A 452 21.01 -8.11 -8.00
CA TRP A 452 21.37 -7.75 -6.62
C TRP A 452 20.66 -8.65 -5.62
N GLY A 453 21.19 -8.71 -4.41
CA GLY A 453 20.54 -9.44 -3.31
C GLY A 453 21.20 -9.09 -2.00
N ASN A 454 20.41 -9.12 -0.92
CA ASN A 454 20.92 -8.75 0.42
C ASN A 454 20.56 -9.78 1.45
N ILE A 455 21.48 -10.07 2.38
CA ILE A 455 21.24 -10.97 3.52
C ILE A 455 21.55 -10.31 4.87
N ASN A 456 20.79 -10.71 5.88
CA ASN A 456 21.07 -10.31 7.25
C ASN A 456 22.19 -11.20 7.78
N LEU A 457 23.17 -10.56 8.41
CA LEU A 457 24.33 -11.27 8.94
C LEU A 457 24.04 -12.03 10.21
N PHE A 458 22.93 -11.75 10.87
CA PHE A 458 22.45 -12.55 11.98
C PHE A 458 21.06 -13.01 11.63
N ASP A 459 20.59 -14.08 12.28
CA ASP A 459 19.23 -14.57 12.05
C ASP A 459 18.28 -14.02 13.13
N TYR A 460 17.00 -14.37 13.03
CA TYR A 460 15.99 -13.93 14.02
C TYR A 460 16.31 -14.28 15.47
N THR A 461 17.10 -15.34 15.68
CA THR A 461 17.61 -15.72 17.01
C THR A 461 19.06 -15.26 17.26
N ASP A 462 19.46 -14.14 16.65
CA ASP A 462 20.77 -13.51 16.86
C ASP A 462 21.99 -14.32 16.38
N THR A 463 21.79 -15.44 15.68
CA THR A 463 22.89 -16.35 15.33
C THR A 463 23.65 -15.87 14.10
N LEU A 464 24.93 -15.57 14.27
CA LEU A 464 25.79 -15.06 13.18
C LEU A 464 25.82 -16.09 12.06
N VAL A 465 25.65 -15.59 10.84
CA VAL A 465 25.37 -16.45 9.69
C VAL A 465 26.64 -17.26 9.29
N SER A 466 26.49 -18.58 9.36
CA SER A 466 27.54 -19.53 8.96
C SER A 466 26.96 -20.63 8.09
N GLY A 467 27.79 -21.17 7.21
CA GLY A 467 27.41 -22.24 6.30
C GLY A 467 27.49 -21.80 4.85
N LYS A 468 26.62 -22.38 4.03
CA LYS A 468 26.52 -21.98 2.64
C LYS A 468 25.09 -21.57 2.42
N MET A 469 24.91 -20.53 1.61
CA MET A 469 23.60 -19.97 1.29
C MET A 469 23.44 -19.94 -0.23
N ALA A 470 22.20 -20.12 -0.70
CA ALA A 470 21.88 -20.03 -2.12
C ALA A 470 20.96 -18.82 -2.34
N LEU A 471 21.56 -17.68 -2.65
CA LEU A 471 20.82 -16.41 -2.78
C LEU A 471 20.35 -16.18 -4.21
N ASN A 472 19.05 -16.36 -4.47
CA ASN A 472 18.48 -15.97 -5.78
C ASN A 472 18.26 -14.47 -5.86
N LEU A 473 18.66 -13.86 -6.96
CA LEU A 473 18.74 -12.41 -7.00
C LEU A 473 17.52 -11.69 -7.60
N TRP A 474 17.48 -10.39 -7.28
CA TRP A 474 16.43 -9.46 -7.70
C TRP A 474 16.99 -8.63 -8.83
N PRO A 475 16.13 -8.09 -9.73
CA PRO A 475 16.58 -7.34 -10.91
C PRO A 475 16.75 -5.85 -10.67
N VAL A 476 17.57 -5.22 -11.52
CA VAL A 476 17.82 -3.78 -11.42
C VAL A 476 16.52 -2.96 -11.54
N PRO A 477 16.25 -2.06 -10.56
CA PRO A 477 15.11 -1.16 -10.71
C PRO A 477 15.36 0.02 -11.66
N HIS A 478 14.31 0.82 -11.83
CA HIS A 478 14.36 2.03 -12.64
C HIS A 478 15.37 3.03 -12.08
N GLY A 479 14.96 3.74 -11.02
CA GLY A 479 15.67 4.91 -10.51
C GLY A 479 17.03 4.61 -9.92
N LEU A 480 17.25 3.36 -9.49
CA LEU A 480 18.57 2.93 -9.01
C LEU A 480 19.54 2.65 -10.16
N GLU A 481 20.48 3.58 -10.34
CA GLU A 481 21.66 3.38 -11.21
C GLU A 481 22.89 2.95 -10.45
N ASP A 482 22.92 3.21 -9.14
CA ASP A 482 24.07 2.89 -8.31
C ASP A 482 24.30 1.37 -8.20
N LEU A 483 25.50 1.00 -7.77
CA LEU A 483 25.99 -0.39 -7.93
C LEU A 483 25.30 -1.51 -7.13
N LEU A 484 24.92 -1.23 -5.89
CA LEU A 484 24.74 -2.29 -4.88
C LEU A 484 23.35 -2.42 -4.22
N ASN A 485 22.65 -1.30 -3.97
CA ASN A 485 21.28 -1.32 -3.42
C ASN A 485 21.17 -1.94 -2.01
N PRO A 486 21.51 -1.14 -0.97
CA PRO A 486 21.26 -1.52 0.43
C PRO A 486 19.89 -1.12 0.99
N ILE A 487 19.18 -0.15 0.38
CA ILE A 487 17.80 0.18 0.80
C ILE A 487 16.87 -0.99 0.38
N GLY A 488 17.26 -1.73 -0.68
CA GLY A 488 16.53 -2.92 -1.14
C GLY A 488 16.38 -3.99 -0.08
N VAL A 489 15.37 -4.83 -0.23
CA VAL A 489 14.98 -5.80 0.79
C VAL A 489 15.95 -6.99 1.01
N THR A 490 16.24 -7.21 2.29
CA THR A 490 16.88 -8.43 2.77
C THR A 490 16.05 -9.67 2.46
N GLY A 491 16.73 -10.74 2.09
CA GLY A 491 16.10 -12.03 1.79
C GLY A 491 16.41 -12.43 0.37
N SER A 492 16.46 -13.75 0.15
CA SER A 492 16.63 -14.32 -1.19
C SER A 492 15.33 -14.19 -1.94
N ASN A 493 15.41 -14.15 -3.27
CA ASN A 493 14.22 -14.13 -4.11
C ASN A 493 13.50 -15.49 -4.01
N PRO A 494 12.15 -15.48 -3.82
CA PRO A 494 11.44 -16.78 -3.89
C PRO A 494 11.40 -17.33 -5.31
N ASN A 495 11.41 -16.42 -6.29
CA ASN A 495 11.52 -16.74 -7.72
C ASN A 495 12.80 -17.55 -8.03
N LYS A 496 12.62 -18.80 -8.47
CA LYS A 496 13.75 -19.70 -8.73
C LYS A 496 14.58 -19.33 -9.98
N GLU A 497 13.91 -19.11 -11.11
CA GLU A 497 14.60 -18.85 -12.38
C GLU A 497 15.13 -17.41 -12.42
N THR A 498 16.21 -17.22 -11.65
CA THR A 498 16.93 -15.93 -11.51
C THR A 498 18.40 -16.22 -11.17
N PRO A 499 19.28 -15.21 -11.34
CA PRO A 499 20.70 -15.34 -10.94
C PRO A 499 20.91 -15.88 -9.52
N CYS A 500 21.16 -17.20 -9.43
CA CYS A 500 21.43 -17.84 -8.14
C CYS A 500 22.92 -17.81 -7.82
N LEU A 501 23.32 -16.82 -7.01
CA LEU A 501 24.69 -16.68 -6.52
C LEU A 501 24.84 -17.42 -5.20
N GLU A 502 25.74 -18.40 -5.15
CA GLU A 502 25.97 -19.15 -3.89
C GLU A 502 27.28 -18.73 -3.25
N LEU A 503 27.37 -18.95 -1.94
CA LEU A 503 28.50 -18.45 -1.17
C LEU A 503 28.64 -19.19 0.17
N GLU A 504 29.87 -19.21 0.67
CA GLU A 504 30.22 -19.90 1.90
C GLU A 504 30.49 -18.81 2.93
N PHE A 505 29.86 -18.95 4.09
CA PHE A 505 30.15 -18.15 5.28
C PHE A 505 31.04 -18.89 6.23
N ASP A 506 31.78 -18.13 7.03
CA ASP A 506 32.82 -18.70 7.85
C ASP A 506 32.23 -19.41 9.09
N TRP A 507 32.81 -20.56 9.42
CA TRP A 507 32.41 -21.37 10.58
C TRP A 507 33.42 -21.17 11.73
N PHE A 508 32.91 -21.20 12.97
CA PHE A 508 33.72 -20.88 14.15
C PHE A 508 33.36 -21.79 15.34
N SER A 509 33.52 -23.11 15.16
CA SER A 509 33.40 -24.10 16.24
C SER A 509 32.08 -24.11 17.03
N SER A 510 31.08 -23.35 16.55
CA SER A 510 29.82 -23.14 17.27
C SER A 510 28.89 -22.19 16.53
N VAL A 511 27.62 -22.26 16.94
CA VAL A 511 26.68 -21.16 16.75
C VAL A 511 27.18 -19.90 17.50
N VAL A 512 27.57 -18.91 16.72
CA VAL A 512 28.00 -17.62 17.25
C VAL A 512 26.76 -16.76 17.47
N LYS A 513 26.51 -16.34 18.71
CA LYS A 513 25.32 -15.53 19.05
C LYS A 513 25.68 -14.14 19.54
N PHE A 514 24.83 -13.16 19.22
CA PHE A 514 25.04 -11.78 19.64
C PHE A 514 24.83 -11.67 21.16
N PRO A 515 25.70 -10.89 21.85
CA PRO A 515 25.65 -10.84 23.32
C PRO A 515 24.33 -10.34 23.85
N ASP A 516 23.92 -10.79 25.05
CA ASP A 516 22.70 -10.31 25.73
C ASP A 516 22.77 -8.84 26.14
N MET A 517 21.62 -8.29 26.54
CA MET A 517 21.53 -6.89 26.93
C MET A 517 22.27 -6.62 28.23
N SER A 518 22.07 -7.50 29.21
CA SER A 518 22.85 -7.48 30.46
C SER A 518 24.39 -7.36 30.24
N VAL A 519 24.88 -8.03 29.18
CA VAL A 519 26.30 -8.03 28.83
C VAL A 519 26.71 -6.81 28.03
N ILE A 520 25.82 -6.33 27.17
CA ILE A 520 26.10 -5.09 26.45
C ILE A 520 26.13 -3.93 27.46
N GLU A 521 25.17 -3.92 28.40
CA GLU A 521 25.13 -2.95 29.51
C GLU A 521 26.45 -2.84 30.23
N GLU A 522 26.88 -3.97 30.82
CA GLU A 522 28.14 -4.04 31.60
C GLU A 522 29.32 -3.50 30.84
N HIS A 523 29.44 -3.90 29.58
CA HIS A 523 30.48 -3.38 28.70
C HIS A 523 30.38 -1.87 28.41
N ALA A 524 29.17 -1.33 28.42
CA ALA A 524 28.99 0.12 28.36
C ALA A 524 29.51 0.78 29.63
N ASN A 525 29.05 0.28 30.79
CA ASN A 525 29.49 0.72 32.13
C ASN A 525 31.00 0.66 32.35
N TRP A 526 31.66 -0.25 31.63
CA TRP A 526 33.11 -0.31 31.63
C TRP A 526 33.70 0.73 30.67
N SER A 527 33.14 0.89 29.48
CA SER A 527 33.62 1.93 28.53
C SER A 527 33.50 3.36 29.09
N VAL A 528 32.59 3.54 30.06
CA VAL A 528 32.36 4.80 30.78
C VAL A 528 33.46 5.05 31.83
N SER A 529 33.62 4.12 32.77
CA SER A 529 34.64 4.22 33.85
C SER A 529 36.07 4.22 33.32
N ARG A 530 36.28 3.46 32.24
CA ARG A 530 37.54 3.45 31.50
C ARG A 530 37.89 4.81 30.90
N GLU A 531 36.93 5.44 30.23
CA GLU A 531 37.14 6.75 29.59
C GLU A 531 37.26 7.92 30.57
N ALA A 532 36.73 7.78 31.78
CA ALA A 532 36.97 8.75 32.85
C ALA A 532 38.46 8.83 33.26
N GLY A 533 39.16 7.69 33.23
CA GLY A 533 40.60 7.63 33.57
C GLY A 533 41.58 7.97 32.46
N PHE A 534 41.12 8.03 31.20
CA PHE A 534 41.93 8.48 30.05
C PHE A 534 42.48 9.85 30.38
N SER A 535 43.59 10.24 29.76
CA SER A 535 44.36 11.38 30.27
C SER A 535 44.56 12.58 29.36
N TYR A 536 43.78 13.62 29.62
CA TYR A 536 44.05 14.99 29.15
C TYR A 536 44.27 15.08 27.64
N SER A 537 45.51 14.98 27.17
CA SER A 537 45.82 15.34 25.78
C SER A 537 45.25 14.30 24.81
N HIS A 538 44.25 14.73 24.05
CA HIS A 538 43.38 13.83 23.31
C HIS A 538 42.65 14.65 22.26
N ALA A 539 42.51 14.12 21.04
CA ALA A 539 41.85 14.80 19.90
C ALA A 539 40.58 14.07 19.35
N GLY A 540 39.83 14.79 18.52
CA GLY A 540 38.70 14.25 17.73
C GLY A 540 37.73 13.27 18.35
N LEU A 541 37.18 13.58 19.54
CA LEU A 541 36.24 12.68 20.25
C LEU A 541 34.89 12.65 19.56
N GLU A 550 33.68 20.25 31.07
CA GLU A 550 32.23 20.18 31.27
C GLU A 550 31.49 20.53 29.96
N LEU A 551 30.92 21.73 29.85
CA LEU A 551 30.01 22.13 28.75
C LEU A 551 30.39 23.56 28.28
N ARG A 552 29.54 24.22 27.49
CA ARG A 552 29.70 25.64 27.15
C ARG A 552 28.38 26.21 26.67
N GLU A 553 28.15 27.51 26.93
CA GLU A 553 26.89 28.18 26.58
C GLU A 553 26.72 28.35 25.05
N ASN A 554 27.82 28.75 24.38
CA ASN A 554 27.85 28.89 22.92
C ASN A 554 27.55 27.56 22.23
N ASP A 555 28.09 26.48 22.78
CA ASP A 555 27.87 25.13 22.26
C ASP A 555 26.47 24.60 22.60
N LYS A 556 26.03 24.79 23.85
CA LYS A 556 24.69 24.34 24.31
C LYS A 556 23.52 24.75 23.40
N GLU A 557 23.66 25.88 22.70
CA GLU A 557 22.66 26.34 21.72
C GLU A 557 22.87 25.71 20.33
N GLN A 558 24.13 25.50 19.95
CA GLN A 558 24.48 24.95 18.62
C GLN A 558 24.07 23.47 18.42
N LEU A 559 23.83 22.75 19.51
CA LEU A 559 23.20 21.43 19.43
C LEU A 559 21.71 21.57 19.12
N LYS A 560 21.03 22.47 19.84
CA LYS A 560 19.63 22.83 19.55
C LYS A 560 19.48 23.47 18.15
N ALA A 561 20.54 24.11 17.65
CA ALA A 561 20.62 24.51 16.26
C ALA A 561 20.55 23.30 15.31
N ILE A 562 21.30 22.25 15.62
CA ILE A 562 21.27 21.00 14.85
C ILE A 562 19.94 20.27 15.00
N SER A 563 19.44 20.14 16.23
CA SER A 563 18.16 19.51 16.54
C SER A 563 17.03 19.92 15.59
N THR A 564 16.98 21.21 15.25
CA THR A 564 15.94 21.79 14.38
C THR A 564 15.99 21.38 12.91
N ARG A 565 17.19 21.12 12.38
CA ARG A 565 17.40 20.85 10.95
C ARG A 565 16.69 19.59 10.48
N ASP A 566 16.09 19.65 9.29
CA ASP A 566 15.32 18.52 8.75
C ASP A 566 16.16 17.24 8.60
N PRO A 567 15.51 16.06 8.55
CA PRO A 567 16.18 14.80 8.31
C PRO A 567 17.22 14.87 7.20
N LEU A 568 16.85 15.45 6.05
CA LEU A 568 17.70 15.51 4.86
C LEU A 568 18.82 16.57 4.87
N SER A 569 18.88 17.42 5.90
CA SER A 569 20.08 18.23 6.15
C SER A 569 21.19 17.30 6.67
N GLU A 570 22.20 17.06 5.83
CA GLU A 570 23.26 16.12 6.16
C GLU A 570 24.22 16.71 7.22
N ILE A 571 24.60 15.85 8.16
CA ILE A 571 25.43 16.20 9.30
C ILE A 571 26.87 15.88 8.93
N THR A 572 27.80 16.72 9.40
CA THR A 572 29.24 16.55 9.16
C THR A 572 29.96 15.77 10.27
N GLU A 573 31.09 15.17 9.91
CA GLU A 573 31.92 14.39 10.85
C GLU A 573 32.22 15.16 12.11
N GLN A 574 32.55 16.46 11.98
CA GLN A 574 32.75 17.32 13.15
C GLN A 574 31.51 17.32 14.01
N GLU A 575 30.37 17.59 13.37
CA GLU A 575 29.10 17.60 14.07
C GLU A 575 28.79 16.26 14.71
N LYS A 576 29.09 15.18 13.98
CA LYS A 576 28.90 13.82 14.50
C LYS A 576 29.76 13.60 15.73
N ASP A 577 31.05 13.92 15.63
CA ASP A 577 31.95 13.89 16.80
C ASP A 577 31.42 14.77 17.92
N PHE A 578 31.07 16.01 17.55
CA PHE A 578 30.59 17.04 18.45
C PHE A 578 29.37 16.58 19.24
N LEU A 579 28.41 15.99 18.53
CA LEU A 579 27.26 15.37 19.17
C LEU A 579 27.67 14.22 20.08
N TRP A 580 28.41 13.28 19.48
CA TRP A 580 28.76 12.02 20.12
C TRP A 580 29.47 12.21 21.48
N SER A 581 30.27 13.27 21.58
CA SER A 581 30.96 13.64 22.85
C SER A 581 30.05 14.28 23.90
N HIS A 582 29.10 15.08 23.46
CA HIS A 582 28.12 15.67 24.37
C HIS A 582 26.84 14.81 24.51
N ARG A 583 26.85 13.61 23.94
CA ARG A 583 25.70 12.70 23.95
C ARG A 583 24.93 12.63 25.26
N HIS A 584 25.63 12.82 26.38
CA HIS A 584 24.98 12.84 27.68
C HIS A 584 24.13 14.12 27.86
N TYR A 585 24.67 15.28 27.48
CA TYR A 585 23.87 16.52 27.45
C TYR A 585 22.75 16.44 26.41
N CYS A 586 22.93 15.69 25.33
CA CYS A 586 21.92 15.56 24.28
C CYS A 586 20.56 15.03 24.76
N VAL A 587 20.53 14.27 25.85
CA VAL A 587 19.25 13.85 26.47
C VAL A 587 18.37 15.07 26.91
N THR A 588 19.01 16.20 27.24
CA THR A 588 18.35 17.51 27.43
C THR A 588 17.39 17.85 26.30
N ILE A 589 17.79 17.50 25.08
CA ILE A 589 17.02 17.77 23.90
C ILE A 589 16.69 16.42 23.29
N PRO A 590 15.71 15.69 23.85
CA PRO A 590 15.43 14.36 23.27
C PRO A 590 15.11 14.32 21.75
N GLU A 591 14.74 15.47 21.18
CA GLU A 591 14.47 15.62 19.75
C GLU A 591 15.73 15.49 18.86
N ILE A 592 16.92 15.64 19.44
CA ILE A 592 18.18 15.49 18.71
C ILE A 592 18.52 14.02 18.39
N LEU A 593 17.85 13.06 19.04
CA LEU A 593 18.18 11.61 18.94
C LEU A 593 18.50 11.06 17.54
N PRO A 594 17.64 11.33 16.52
CA PRO A 594 17.96 10.90 15.13
C PRO A 594 19.33 11.34 14.62
N LYS A 595 19.72 12.56 14.96
CA LYS A 595 21.01 13.15 14.56
C LYS A 595 22.14 12.43 15.32
N LEU A 596 21.92 12.23 16.61
CA LEU A 596 22.84 11.48 17.45
C LEU A 596 23.05 10.06 16.92
N LEU A 597 21.96 9.32 16.67
CA LEU A 597 22.06 7.92 16.23
C LEU A 597 22.83 7.80 14.92
N LEU A 598 22.62 8.73 14.00
CA LEU A 598 23.36 8.78 12.73
C LEU A 598 24.82 9.18 12.96
N SER A 599 25.08 9.91 14.04
CA SER A 599 26.44 10.30 14.44
C SER A 599 27.28 9.15 15.01
N VAL A 600 26.66 8.32 15.85
CA VAL A 600 27.26 7.10 16.39
C VAL A 600 27.93 6.24 15.32
N LYS A 601 29.13 5.78 15.62
CA LYS A 601 29.85 4.82 14.78
C LYS A 601 29.42 3.39 15.10
N TRP A 602 28.64 2.81 14.19
CA TRP A 602 28.00 1.51 14.45
C TRP A 602 28.96 0.34 14.25
N ASN A 603 30.08 0.63 13.62
CA ASN A 603 31.24 -0.29 13.56
C ASN A 603 32.18 -0.27 14.78
N SER A 604 31.83 0.40 15.88
CA SER A 604 32.61 0.35 17.11
C SER A 604 31.68 -0.09 18.20
N ARG A 605 31.84 -1.32 18.65
CA ARG A 605 30.89 -1.88 19.62
C ARG A 605 30.88 -1.16 20.97
N ASP A 606 32.00 -0.51 21.31
CA ASP A 606 32.12 0.29 22.53
C ASP A 606 31.16 1.45 22.49
N GLU A 607 31.12 2.18 21.36
CA GLU A 607 30.11 3.22 21.14
C GLU A 607 28.71 2.62 21.23
N VAL A 608 28.48 1.62 20.39
CA VAL A 608 27.17 1.04 20.21
C VAL A 608 26.62 0.49 21.51
N ALA A 609 27.46 -0.01 22.40
CA ALA A 609 26.97 -0.40 23.74
C ALA A 609 26.56 0.83 24.56
N GLN A 610 27.33 1.92 24.45
CA GLN A 610 27.03 3.17 25.15
C GLN A 610 25.74 3.81 24.65
N MET A 611 25.56 3.81 23.32
CA MET A 611 24.35 4.38 22.68
C MET A 611 23.09 3.56 22.99
N TYR A 612 23.19 2.22 22.95
CA TYR A 612 22.12 1.30 23.44
C TYR A 612 21.64 1.69 24.85
N CYS A 613 22.58 2.10 25.72
CA CYS A 613 22.31 2.47 27.12
C CYS A 613 21.71 3.84 27.34
N LEU A 614 22.01 4.79 26.45
CA LEU A 614 21.31 6.09 26.43
C LEU A 614 19.85 5.90 26.04
N VAL A 615 19.67 5.26 24.88
CA VAL A 615 18.36 4.89 24.35
C VAL A 615 17.53 4.21 25.44
N LYS A 616 18.14 3.32 26.22
CA LYS A 616 17.44 2.50 27.23
C LYS A 616 16.40 3.30 28.01
N ASP A 617 16.84 4.42 28.55
CA ASP A 617 15.93 5.34 29.19
C ASP A 617 16.24 6.70 28.64
N TRP A 618 15.86 6.86 27.38
CA TRP A 618 15.79 8.15 26.70
C TRP A 618 14.34 8.62 26.88
N PRO A 619 14.10 9.97 26.89
CA PRO A 619 12.74 10.44 27.16
C PRO A 619 11.82 10.31 25.95
N PRO A 620 10.62 9.73 26.11
CA PRO A 620 9.75 9.61 24.96
C PRO A 620 9.57 10.92 24.26
N ILE A 621 9.44 10.81 22.95
CA ILE A 621 9.29 11.95 22.07
C ILE A 621 8.00 11.84 21.23
N LYS A 622 7.74 12.90 20.48
CA LYS A 622 6.54 13.01 19.69
C LYS A 622 6.57 12.00 18.52
N PRO A 623 5.46 11.25 18.29
CA PRO A 623 5.25 10.39 17.13
C PRO A 623 5.77 10.93 15.80
N GLU A 624 5.45 12.18 15.49
CA GLU A 624 5.86 12.81 14.22
C GLU A 624 7.37 12.72 13.96
N GLN A 625 8.15 12.76 15.04
CA GLN A 625 9.62 12.70 15.00
C GLN A 625 10.14 11.30 15.24
N ALA A 626 9.46 10.56 16.11
CA ALA A 626 9.78 9.14 16.36
C ALA A 626 9.58 8.29 15.11
N MET A 627 8.60 8.62 14.28
CA MET A 627 8.39 7.94 13.01
C MET A 627 9.60 7.88 12.09
N GLU A 628 10.48 8.88 12.18
CA GLU A 628 11.75 8.87 11.45
C GLU A 628 12.58 7.63 11.84
N LEU A 629 12.47 7.20 13.11
CA LEU A 629 13.24 6.06 13.63
C LEU A 629 12.77 4.69 13.15
N LEU A 630 11.66 4.63 12.41
CA LEU A 630 11.26 3.41 11.73
C LEU A 630 11.58 3.41 10.23
N ASP A 631 12.21 4.46 9.68
CA ASP A 631 12.55 4.48 8.24
C ASP A 631 13.83 3.68 8.00
N CYS A 632 14.24 3.58 6.75
CA CYS A 632 15.36 2.70 6.40
C CYS A 632 16.73 3.08 7.00
N ASN A 633 16.91 4.36 7.35
CA ASN A 633 18.17 4.82 7.98
C ASN A 633 18.39 4.40 9.43
N TYR A 634 17.37 3.92 10.14
CA TYR A 634 17.51 3.44 11.53
C TYR A 634 17.03 2.00 11.61
N PRO A 635 17.94 1.04 11.30
CA PRO A 635 17.69 -0.40 11.34
C PRO A 635 17.97 -1.09 12.67
N ASP A 636 18.60 -0.41 13.61
CA ASP A 636 18.91 -1.04 14.90
C ASP A 636 17.61 -1.42 15.62
N PRO A 637 17.57 -2.59 16.28
CA PRO A 637 16.34 -2.98 16.98
C PRO A 637 16.05 -2.22 18.28
N MET A 638 17.10 -1.83 19.02
CA MET A 638 16.94 -1.05 20.24
C MET A 638 16.38 0.33 19.95
N VAL A 639 16.81 0.90 18.83
CA VAL A 639 16.27 2.15 18.31
C VAL A 639 14.79 2.02 17.97
N ARG A 640 14.47 1.12 17.05
CA ARG A 640 13.10 0.91 16.62
C ARG A 640 12.21 0.52 17.77
N GLY A 641 12.79 -0.20 18.73
CA GLY A 641 12.09 -0.52 19.96
C GLY A 641 11.66 0.76 20.63
N PHE A 642 12.62 1.68 20.82
CA PHE A 642 12.34 2.95 21.49
C PHE A 642 11.25 3.74 20.77
N ALA A 643 11.31 3.80 19.44
CA ALA A 643 10.27 4.46 18.65
C ALA A 643 8.86 3.83 18.83
N VAL A 644 8.76 2.51 18.82
CA VAL A 644 7.47 1.86 19.12
C VAL A 644 6.99 2.12 20.55
N ARG A 645 7.92 2.35 21.48
CA ARG A 645 7.56 2.71 22.86
C ARG A 645 7.00 4.15 22.94
N CYS A 646 7.45 5.06 22.07
CA CYS A 646 6.83 6.39 21.93
C CYS A 646 5.37 6.30 21.42
N LEU A 647 5.15 5.50 20.38
CA LEU A 647 3.81 5.29 19.82
C LEU A 647 2.80 4.73 20.84
N GLU A 648 3.23 3.81 21.69
CA GLU A 648 2.34 3.23 22.70
C GLU A 648 1.84 4.29 23.68
N LYS A 649 2.73 5.21 24.05
CA LYS A 649 2.38 6.29 24.95
C LYS A 649 1.56 7.32 24.21
N TYR A 650 2.13 7.85 23.14
CA TYR A 650 1.65 9.08 22.53
C TYR A 650 0.62 8.94 21.37
N LEU A 651 0.83 8.00 20.46
CA LEU A 651 0.02 7.92 19.23
C LEU A 651 -1.40 7.45 19.51
N THR A 652 -2.37 8.29 19.15
CA THR A 652 -3.77 8.02 19.40
C THR A 652 -4.33 7.25 18.24
N ASP A 653 -5.26 6.33 18.51
CA ASP A 653 -5.98 5.57 17.47
C ASP A 653 -6.41 6.45 16.28
N ASP A 654 -6.69 7.72 16.55
CA ASP A 654 -6.94 8.71 15.49
C ASP A 654 -5.69 8.96 14.62
N LYS A 655 -4.60 9.34 15.26
CA LYS A 655 -3.40 9.76 14.55
C LYS A 655 -2.75 8.55 13.81
N LEU A 656 -2.90 7.36 14.38
CA LEU A 656 -2.44 6.11 13.76
C LEU A 656 -3.06 5.94 12.40
N SER A 657 -4.38 5.87 12.37
CA SER A 657 -5.07 5.68 11.11
C SER A 657 -4.76 6.78 10.09
N GLN A 658 -4.34 7.96 10.52
CA GLN A 658 -3.88 8.99 9.59
C GLN A 658 -2.57 8.59 8.90
N TYR A 659 -1.63 8.14 9.72
CA TYR A 659 -0.34 7.69 9.22
C TYR A 659 -0.23 6.18 8.95
N LEU A 660 -1.35 5.45 8.84
CA LEU A 660 -1.30 3.99 8.81
C LEU A 660 -0.59 3.49 7.58
N ILE A 661 -0.89 4.11 6.44
CA ILE A 661 -0.15 3.83 5.20
C ILE A 661 1.37 3.78 5.43
N GLN A 662 1.93 4.84 6.01
CA GLN A 662 3.38 4.95 6.22
C GLN A 662 3.94 3.84 7.13
N LEU A 663 3.19 3.53 8.19
CA LEU A 663 3.58 2.50 9.15
C LEU A 663 3.56 1.09 8.56
N VAL A 664 2.62 0.81 7.66
CA VAL A 664 2.55 -0.49 6.99
C VAL A 664 3.71 -0.62 5.99
N GLN A 665 4.03 0.46 5.30
CA GLN A 665 5.21 0.49 4.42
C GLN A 665 6.48 0.26 5.20
N VAL A 666 6.56 0.84 6.38
CA VAL A 666 7.79 0.78 7.13
C VAL A 666 8.07 -0.63 7.71
N LEU A 667 7.08 -1.53 7.67
CA LEU A 667 7.27 -2.96 8.03
C LEU A 667 8.33 -3.64 7.15
N LYS A 668 8.34 -3.28 5.86
CA LYS A 668 9.34 -3.75 4.88
C LYS A 668 10.80 -3.61 5.30
N TYR A 669 11.09 -2.59 6.09
CA TYR A 669 12.41 -2.37 6.60
C TYR A 669 12.66 -3.01 7.95
N GLU A 670 11.84 -3.94 8.43
CA GLU A 670 12.29 -4.67 9.62
C GLU A 670 13.18 -5.80 9.17
N GLN A 671 14.09 -6.25 10.05
CA GLN A 671 14.98 -7.36 9.69
C GLN A 671 14.25 -8.68 9.70
N TYR A 672 13.39 -8.91 10.70
CA TYR A 672 12.72 -10.22 10.90
C TYR A 672 11.17 -10.06 10.87
N LEU A 673 10.41 -11.15 10.88
CA LEU A 673 8.93 -11.11 10.77
C LEU A 673 8.24 -10.68 12.06
N ASP A 674 8.77 -11.24 13.14
CA ASP A 674 8.30 -11.03 14.49
C ASP A 674 9.14 -9.88 15.02
N ASN A 675 8.49 -8.75 15.25
CA ASN A 675 9.13 -7.56 15.79
C ASN A 675 8.08 -6.62 16.34
N LEU A 676 8.52 -5.64 17.13
CA LEU A 676 7.62 -4.87 18.00
C LEU A 676 6.55 -4.07 17.28
N LEU A 677 6.96 -3.38 16.21
CA LEU A 677 6.01 -2.71 15.33
C LEU A 677 4.89 -3.64 14.87
N VAL A 678 5.22 -4.81 14.30
CA VAL A 678 4.15 -5.69 13.81
C VAL A 678 3.12 -5.95 14.94
N ARG A 679 3.60 -6.21 16.14
CA ARG A 679 2.74 -6.55 17.28
C ARG A 679 1.93 -5.35 17.72
N PHE A 680 2.51 -4.16 17.56
CA PHE A 680 1.84 -2.90 17.86
C PHE A 680 0.64 -2.71 16.93
N LEU A 681 0.91 -2.75 15.62
CA LEU A 681 -0.14 -2.57 14.62
C LEU A 681 -1.15 -3.71 14.67
N LEU A 682 -0.67 -4.95 14.81
CA LEU A 682 -1.57 -6.08 14.89
C LEU A 682 -2.56 -5.87 16.04
N LYS A 683 -2.06 -5.33 17.15
CA LYS A 683 -2.89 -5.10 18.34
C LYS A 683 -3.92 -3.98 18.09
N LYS A 684 -3.45 -2.85 17.58
CA LYS A 684 -4.33 -1.71 17.33
C LYS A 684 -5.45 -2.11 16.38
N ALA A 685 -5.10 -2.87 15.35
CA ALA A 685 -6.05 -3.37 14.35
C ALA A 685 -7.09 -4.32 14.93
N LEU A 686 -6.66 -5.16 15.88
CA LEU A 686 -7.57 -6.06 16.58
C LEU A 686 -8.28 -5.42 17.80
N THR A 687 -7.80 -4.25 18.18
CA THR A 687 -8.45 -3.40 19.17
C THR A 687 -9.58 -2.55 18.56
N ASN A 688 -9.50 -2.24 17.26
CA ASN A 688 -10.35 -1.20 16.65
C ASN A 688 -10.62 -1.46 15.18
N GLN A 689 -11.88 -1.71 14.84
CA GLN A 689 -12.20 -2.27 13.54
C GLN A 689 -12.12 -1.29 12.37
N ARG A 690 -12.04 0.00 12.67
CA ARG A 690 -11.86 0.99 11.62
C ARG A 690 -10.41 0.83 11.18
N ILE A 691 -9.47 0.78 12.11
CA ILE A 691 -8.06 0.59 11.74
C ILE A 691 -7.89 -0.74 11.01
N GLY A 692 -8.40 -1.79 11.64
CA GLY A 692 -8.34 -3.12 11.08
C GLY A 692 -8.74 -3.18 9.62
N HIS A 693 -9.77 -2.43 9.25
CA HIS A 693 -10.25 -2.41 7.87
C HIS A 693 -9.19 -1.94 6.87
N PHE A 694 -8.57 -0.81 7.17
CA PHE A 694 -7.57 -0.26 6.27
C PHE A 694 -6.23 -0.94 6.45
N PHE A 695 -5.97 -1.39 7.66
CA PHE A 695 -4.85 -2.27 7.91
C PHE A 695 -4.92 -3.52 7.04
N PHE A 696 -6.11 -4.09 6.89
CA PHE A 696 -6.28 -5.29 6.05
C PHE A 696 -6.01 -4.96 4.59
N TRP A 697 -6.61 -3.88 4.11
CA TRP A 697 -6.56 -3.55 2.69
C TRP A 697 -5.16 -3.09 2.24
N HIS A 698 -4.47 -2.36 3.09
CA HIS A 698 -3.12 -1.91 2.73
C HIS A 698 -2.18 -3.08 2.58
N LEU A 699 -2.34 -4.08 3.43
CA LEU A 699 -1.63 -5.34 3.27
C LEU A 699 -2.14 -6.09 2.01
N LYS A 700 -3.44 -6.31 1.94
CA LYS A 700 -4.02 -7.12 0.87
C LYS A 700 -3.73 -6.52 -0.53
N SER A 701 -3.54 -5.20 -0.59
CA SER A 701 -3.06 -4.50 -1.79
C SER A 701 -1.73 -5.08 -2.26
N GLU A 702 -0.74 -5.09 -1.39
CA GLU A 702 0.64 -5.45 -1.78
C GLU A 702 0.86 -6.94 -1.94
N MET A 703 -0.14 -7.79 -1.77
CA MET A 703 0.11 -9.22 -1.77
C MET A 703 0.63 -9.75 -3.09
N HIS A 704 0.23 -9.13 -4.21
CA HIS A 704 0.87 -9.40 -5.51
C HIS A 704 2.41 -9.26 -5.50
N ASN A 705 2.91 -8.26 -4.77
CA ASN A 705 4.34 -7.94 -4.72
C ASN A 705 5.22 -8.96 -3.95
N LYS A 706 6.01 -9.76 -4.67
CA LYS A 706 6.84 -10.85 -4.09
C LYS A 706 7.95 -10.44 -3.10
N THR A 707 8.25 -9.14 -2.99
CA THR A 707 9.07 -8.64 -1.90
C THR A 707 8.39 -8.77 -0.53
N VAL A 708 7.05 -8.79 -0.50
CA VAL A 708 6.29 -8.81 0.78
C VAL A 708 5.21 -9.88 0.92
N SER A 709 5.02 -10.70 -0.12
CA SER A 709 3.91 -11.63 -0.15
C SER A 709 3.92 -12.56 1.05
N GLN A 710 5.11 -12.98 1.48
CA GLN A 710 5.22 -13.84 2.65
C GLN A 710 4.83 -13.10 3.90
N ARG A 711 5.55 -12.03 4.16
CA ARG A 711 5.46 -11.33 5.42
C ARG A 711 4.07 -10.81 5.72
N PHE A 712 3.48 -10.17 4.71
CA PHE A 712 2.15 -9.57 4.83
C PHE A 712 1.12 -10.65 4.81
N GLY A 713 1.36 -11.65 3.99
CA GLY A 713 0.51 -12.86 3.99
C GLY A 713 0.36 -13.48 5.36
N LEU A 714 1.46 -13.62 6.08
CA LEU A 714 1.43 -14.22 7.42
C LEU A 714 0.71 -13.31 8.42
N LEU A 715 0.93 -12.02 8.25
CA LEU A 715 0.31 -10.99 9.09
C LEU A 715 -1.19 -10.91 8.88
N LEU A 716 -1.61 -10.98 7.62
CA LEU A 716 -3.04 -11.01 7.28
C LEU A 716 -3.77 -12.22 7.83
N GLU A 717 -3.07 -13.35 7.88
CA GLU A 717 -3.58 -14.57 8.47
C GLU A 717 -3.91 -14.35 9.95
N SER A 718 -2.94 -13.83 10.68
CA SER A 718 -3.14 -13.50 12.09
C SER A 718 -4.33 -12.59 12.26
N TYR A 719 -4.38 -11.49 11.49
CA TYR A 719 -5.49 -10.54 11.54
C TYR A 719 -6.81 -11.30 11.34
N CYS A 720 -6.93 -12.01 10.23
CA CYS A 720 -8.19 -12.68 9.89
C CYS A 720 -8.61 -13.74 10.91
N ARG A 721 -7.62 -14.37 11.55
CA ARG A 721 -7.90 -15.35 12.61
C ARG A 721 -8.46 -14.71 13.91
N ALA A 722 -8.09 -13.46 14.19
CA ALA A 722 -8.50 -12.76 15.42
C ALA A 722 -9.59 -11.70 15.26
N CYS A 723 -9.68 -11.06 14.09
CA CYS A 723 -10.58 -9.90 13.88
C CYS A 723 -12.11 -10.10 14.06
N GLY A 724 -12.54 -11.34 14.24
CA GLY A 724 -13.92 -11.61 14.64
C GLY A 724 -14.85 -11.77 13.46
N MET A 725 -16.07 -11.27 13.58
CA MET A 725 -17.00 -11.37 12.46
C MET A 725 -16.67 -10.43 11.30
N TYR A 726 -15.79 -9.44 11.52
CA TYR A 726 -15.33 -8.63 10.37
C TYR A 726 -14.74 -9.45 9.20
N LEU A 727 -14.26 -10.66 9.49
CA LEU A 727 -13.75 -11.53 8.45
C LEU A 727 -14.80 -11.86 7.42
N LYS A 728 -16.04 -12.06 7.85
CA LYS A 728 -17.11 -12.31 6.90
C LYS A 728 -17.42 -11.08 6.08
N HIS A 729 -17.43 -9.91 6.72
CA HIS A 729 -17.59 -8.62 6.00
C HIS A 729 -16.48 -8.33 4.98
N LEU A 730 -15.23 -8.66 5.33
CA LEU A 730 -14.09 -8.51 4.42
C LEU A 730 -14.20 -9.47 3.27
N ASN A 731 -14.65 -10.69 3.52
CA ASN A 731 -14.82 -11.66 2.43
C ASN A 731 -15.89 -11.26 1.41
N ARG A 732 -16.90 -10.53 1.86
CA ARG A 732 -17.92 -10.02 0.95
C ARG A 732 -17.43 -8.85 0.07
N GLN A 733 -16.54 -8.01 0.64
CA GLN A 733 -15.84 -6.96 -0.11
C GLN A 733 -14.86 -7.60 -1.06
N VAL A 734 -14.06 -8.51 -0.52
CA VAL A 734 -13.07 -9.23 -1.30
C VAL A 734 -13.77 -9.94 -2.49
N GLU A 735 -14.93 -10.55 -2.28
CA GLU A 735 -15.64 -11.19 -3.39
C GLU A 735 -16.20 -10.19 -4.43
N ALA A 736 -16.62 -9.02 -3.96
CA ALA A 736 -17.14 -7.95 -4.83
C ALA A 736 -16.08 -7.39 -5.75
N MET A 737 -14.91 -7.13 -5.16
CA MET A 737 -13.79 -6.55 -5.88
C MET A 737 -13.31 -7.52 -6.94
N GLU A 738 -13.28 -8.81 -6.65
CA GLU A 738 -12.89 -9.82 -7.64
C GLU A 738 -13.78 -9.80 -8.87
N LYS A 739 -15.09 -9.80 -8.68
CA LYS A 739 -15.99 -9.79 -9.82
C LYS A 739 -15.66 -8.61 -10.69
N LEU A 740 -15.55 -7.44 -10.07
CA LEU A 740 -15.25 -6.18 -10.79
C LEU A 740 -13.92 -6.18 -11.56
N ILE A 741 -12.92 -6.85 -10.99
CA ILE A 741 -11.67 -7.11 -11.67
C ILE A 741 -11.88 -8.01 -12.87
N ASN A 742 -12.51 -9.16 -12.66
CA ASN A 742 -12.75 -10.05 -13.79
C ASN A 742 -13.64 -9.41 -14.86
N LEU A 743 -14.62 -8.60 -14.46
CA LEU A 743 -15.51 -7.94 -15.41
C LEU A 743 -14.74 -6.94 -16.25
N THR A 744 -13.93 -6.09 -15.63
CA THR A 744 -13.15 -5.10 -16.39
C THR A 744 -11.99 -5.71 -17.15
N ASP A 745 -11.41 -6.77 -16.61
CA ASP A 745 -10.38 -7.51 -17.35
C ASP A 745 -10.90 -8.01 -18.73
N ILE A 746 -12.19 -8.35 -18.84
CA ILE A 746 -12.77 -8.76 -20.15
C ILE A 746 -13.01 -7.53 -21.00
N LEU A 747 -13.71 -6.53 -20.47
CA LEU A 747 -13.88 -5.26 -21.19
C LEU A 747 -12.60 -4.73 -21.83
N LYS A 748 -11.45 -5.08 -21.25
CA LYS A 748 -10.16 -4.57 -21.70
C LYS A 748 -9.36 -5.48 -22.62
N GLN A 749 -9.74 -6.75 -22.69
CA GLN A 749 -9.04 -7.73 -23.51
C GLN A 749 -10.10 -8.58 -24.21
N GLU A 750 -10.35 -8.29 -25.50
CA GLU A 750 -11.34 -8.97 -26.37
C GLU A 750 -12.51 -8.08 -26.68
N LYS A 751 -13.17 -7.53 -25.67
CA LYS A 751 -14.26 -6.58 -25.90
C LYS A 751 -13.78 -5.16 -26.30
N LYS A 752 -12.48 -4.87 -26.24
CA LYS A 752 -11.94 -3.70 -26.95
C LYS A 752 -12.16 -3.94 -28.46
N ASP A 753 -12.51 -2.88 -29.18
CA ASP A 753 -12.99 -2.94 -30.59
C ASP A 753 -14.44 -3.41 -30.71
N GLU A 754 -15.31 -2.73 -29.96
CA GLU A 754 -16.78 -2.89 -30.02
C GLU A 754 -17.32 -1.57 -29.50
N THR A 755 -18.34 -0.96 -30.13
CA THR A 755 -18.80 0.38 -29.66
C THR A 755 -19.13 0.41 -28.17
N GLN A 756 -18.99 1.58 -27.56
CA GLN A 756 -19.42 1.79 -26.18
C GLN A 756 -20.74 1.09 -25.94
N LYS A 757 -21.70 1.29 -26.84
CA LYS A 757 -23.02 0.66 -26.75
C LYS A 757 -22.96 -0.87 -26.53
N VAL A 758 -22.08 -1.52 -27.30
CA VAL A 758 -21.90 -2.99 -27.27
C VAL A 758 -21.35 -3.47 -25.92
N GLN A 759 -20.19 -2.91 -25.53
CA GLN A 759 -19.61 -3.13 -24.20
C GLN A 759 -20.67 -2.91 -23.14
N MET A 760 -21.27 -1.73 -23.14
CA MET A 760 -22.31 -1.35 -22.16
C MET A 760 -23.50 -2.31 -22.10
N LYS A 761 -23.89 -2.88 -23.23
CA LYS A 761 -24.93 -3.92 -23.20
C LYS A 761 -24.38 -5.21 -22.60
N PHE A 762 -23.19 -5.63 -23.04
CA PHE A 762 -22.49 -6.76 -22.41
C PHE A 762 -22.27 -6.58 -20.89
N LEU A 763 -21.99 -5.36 -20.45
CA LEU A 763 -21.84 -5.08 -19.02
C LEU A 763 -23.14 -5.32 -18.29
N VAL A 764 -24.21 -4.74 -18.82
CA VAL A 764 -25.48 -4.80 -18.14
C VAL A 764 -26.07 -6.21 -18.19
N GLU A 765 -25.82 -6.92 -19.29
CA GLU A 765 -26.11 -8.36 -19.35
C GLU A 765 -25.44 -9.05 -18.18
N GLN A 766 -24.15 -8.78 -17.96
CA GLN A 766 -23.35 -9.45 -16.90
C GLN A 766 -23.76 -9.11 -15.49
N MET A 767 -24.01 -7.84 -15.25
CA MET A 767 -24.33 -7.40 -13.92
C MET A 767 -25.66 -7.97 -13.42
N ARG A 768 -26.59 -8.30 -14.31
CA ARG A 768 -27.90 -8.87 -13.93
C ARG A 768 -27.88 -10.35 -13.57
N ARG A 769 -26.79 -11.05 -13.88
CA ARG A 769 -26.66 -12.46 -13.52
C ARG A 769 -26.75 -12.63 -12.00
N PRO A 770 -27.34 -13.75 -11.54
CA PRO A 770 -27.62 -13.92 -10.11
C PRO A 770 -26.39 -13.80 -9.23
N ASP A 771 -25.26 -14.32 -9.72
CA ASP A 771 -23.98 -14.32 -9.00
C ASP A 771 -23.38 -12.94 -8.82
N PHE A 772 -23.56 -12.08 -9.83
CA PHE A 772 -23.14 -10.67 -9.77
C PHE A 772 -24.03 -9.91 -8.84
N MET A 773 -25.31 -10.24 -8.91
CA MET A 773 -26.29 -9.67 -8.01
C MET A 773 -25.95 -10.07 -6.57
N ASP A 774 -25.75 -11.36 -6.34
CA ASP A 774 -25.34 -11.82 -5.01
C ASP A 774 -24.14 -11.02 -4.53
N ALA A 775 -23.10 -11.08 -5.34
CA ALA A 775 -21.76 -10.67 -4.95
C ALA A 775 -21.59 -9.17 -4.87
N LEU A 776 -22.30 -8.41 -5.70
CA LEU A 776 -22.10 -6.96 -5.78
C LEU A 776 -23.19 -6.11 -5.16
N GLN A 777 -23.93 -6.65 -4.19
CA GLN A 777 -24.99 -5.83 -3.61
C GLN A 777 -24.93 -5.56 -2.12
N GLY A 778 -25.22 -6.53 -1.27
CA GLY A 778 -25.26 -6.18 0.15
C GLY A 778 -23.87 -6.22 0.73
N PHE A 779 -23.15 -5.09 0.72
CA PHE A 779 -21.78 -5.06 1.31
C PHE A 779 -21.34 -3.68 1.74
N LEU A 780 -20.14 -3.57 2.31
CA LEU A 780 -19.58 -2.29 2.81
C LEU A 780 -18.54 -1.70 1.86
N SER A 781 -18.71 -0.42 1.50
CA SER A 781 -17.72 0.28 0.69
C SER A 781 -16.36 0.15 1.35
N PRO A 782 -15.35 -0.33 0.62
CA PRO A 782 -14.01 -0.36 1.20
C PRO A 782 -13.40 1.01 1.39
N LEU A 783 -13.78 2.01 0.58
CA LEU A 783 -13.37 3.40 0.83
C LEU A 783 -13.81 3.86 2.19
N ASN A 784 -14.96 3.36 2.63
CA ASN A 784 -15.43 3.62 3.99
C ASN A 784 -16.45 2.61 4.51
N PRO A 785 -16.02 1.73 5.45
CA PRO A 785 -16.92 0.62 5.82
C PRO A 785 -18.17 1.09 6.57
N ALA A 786 -18.13 2.31 7.10
CA ALA A 786 -19.32 2.95 7.65
C ALA A 786 -20.45 3.01 6.64
N HIS A 787 -20.13 3.32 5.39
CA HIS A 787 -21.18 3.36 4.38
C HIS A 787 -21.46 1.96 3.91
N GLN A 788 -22.75 1.60 3.90
CA GLN A 788 -23.19 0.33 3.33
C GLN A 788 -23.64 0.51 1.89
N LEU A 789 -23.58 -0.58 1.14
CA LEU A 789 -23.89 -0.59 -0.28
C LEU A 789 -24.96 -1.64 -0.40
N GLY A 790 -26.08 -1.25 -1.00
CA GLY A 790 -27.25 -2.11 -1.08
C GLY A 790 -27.48 -2.53 -2.50
N ASN A 791 -28.67 -2.25 -3.04
CA ASN A 791 -29.00 -2.69 -4.38
C ASN A 791 -28.33 -1.82 -5.44
N LEU A 792 -27.88 -2.47 -6.52
CA LEU A 792 -27.25 -1.80 -7.64
C LEU A 792 -28.34 -1.16 -8.47
N ARG A 793 -28.21 0.14 -8.65
CA ARG A 793 -29.01 0.84 -9.61
C ARG A 793 -28.23 0.76 -10.92
N LEU A 794 -28.50 -0.29 -11.69
CA LEU A 794 -27.83 -0.58 -12.98
C LEU A 794 -28.04 0.44 -14.10
N GLU A 795 -29.01 1.34 -13.93
CA GLU A 795 -29.27 2.37 -14.92
C GLU A 795 -28.48 3.62 -14.64
N GLU A 796 -28.04 3.81 -13.40
CA GLU A 796 -27.02 4.83 -13.11
C GLU A 796 -25.60 4.26 -13.28
N CYS A 797 -25.47 2.95 -13.49
CA CYS A 797 -24.18 2.26 -13.63
C CYS A 797 -23.76 2.13 -15.08
N ARG A 798 -22.57 2.64 -15.38
CA ARG A 798 -22.04 2.63 -16.74
C ARG A 798 -20.52 2.59 -16.80
N ILE A 799 -20.01 2.17 -17.96
CA ILE A 799 -18.58 2.30 -18.31
C ILE A 799 -18.24 3.71 -18.84
N MET A 800 -17.26 4.36 -18.23
CA MET A 800 -16.83 5.68 -18.68
C MET A 800 -16.14 5.68 -20.05
N SER A 801 -15.94 6.88 -20.56
CA SER A 801 -15.26 7.11 -21.84
C SER A 801 -13.85 6.53 -21.85
N SER A 802 -13.08 6.77 -20.78
CA SER A 802 -11.65 6.37 -20.67
C SER A 802 -11.31 4.96 -21.20
N ALA A 803 -10.08 4.78 -21.68
CA ALA A 803 -9.62 3.48 -22.25
C ALA A 803 -9.13 2.46 -21.21
N LYS A 804 -9.13 2.89 -19.96
CA LYS A 804 -8.98 1.99 -18.83
C LYS A 804 -10.29 1.22 -18.54
N ARG A 805 -11.39 1.67 -19.15
CA ARG A 805 -12.73 1.15 -18.91
C ARG A 805 -13.04 1.17 -17.40
N PRO A 806 -13.02 2.38 -16.79
CA PRO A 806 -13.36 2.47 -15.38
C PRO A 806 -14.88 2.43 -15.21
N LEU A 807 -15.35 1.69 -14.20
CA LEU A 807 -16.78 1.55 -13.95
C LEU A 807 -17.29 2.64 -13.02
N TRP A 808 -18.31 3.35 -13.49
CA TRP A 808 -19.14 4.22 -12.67
C TRP A 808 -20.21 3.35 -12.04
N LEU A 809 -20.06 3.06 -10.75
CA LEU A 809 -20.96 2.18 -10.03
C LEU A 809 -21.77 2.97 -8.99
N ASN A 810 -23.02 2.57 -8.80
CA ASN A 810 -24.03 3.31 -8.01
C ASN A 810 -24.87 2.34 -7.19
N TRP A 811 -24.84 2.48 -5.88
CA TRP A 811 -25.62 1.64 -4.97
C TRP A 811 -26.67 2.45 -4.21
N GLU A 812 -27.69 1.76 -3.69
CA GLU A 812 -28.67 2.37 -2.77
C GLU A 812 -28.04 2.38 -1.38
N ASN A 813 -28.10 3.51 -0.69
CA ASN A 813 -27.62 3.55 0.72
C ASN A 813 -28.74 2.96 1.58
N PRO A 814 -28.59 1.70 2.02
CA PRO A 814 -29.75 1.08 2.64
C PRO A 814 -29.99 1.50 4.09
N ASP A 815 -29.35 2.57 4.58
CA ASP A 815 -29.66 3.11 5.93
C ASP A 815 -31.15 3.45 6.09
N ILE A 816 -31.59 3.45 7.35
CA ILE A 816 -32.98 3.72 7.68
C ILE A 816 -33.31 5.14 7.27
N MET A 817 -32.37 6.05 7.53
CA MET A 817 -32.51 7.46 7.26
C MET A 817 -31.65 7.90 6.08
N GLU A 819 -32.18 9.16 3.34
CA GLU A 819 -32.68 10.47 2.96
C GLU A 819 -31.88 11.60 3.61
N LEU A 820 -31.64 11.51 4.91
CA LEU A 820 -30.93 12.59 5.62
C LEU A 820 -29.44 12.81 5.20
N LEU A 821 -28.77 11.79 4.64
CA LEU A 821 -27.34 11.92 4.28
C LEU A 821 -27.07 11.79 2.79
N PHE A 822 -27.45 10.66 2.19
CA PHE A 822 -27.48 10.51 0.73
C PHE A 822 -28.19 9.21 0.37
N GLN A 823 -29.14 9.27 -0.56
CA GLN A 823 -29.92 8.08 -0.98
C GLN A 823 -29.11 7.15 -1.88
N ASN A 824 -28.06 7.69 -2.50
CA ASN A 824 -27.20 7.00 -3.46
C ASN A 824 -25.70 7.21 -3.20
N ASN A 825 -24.98 6.11 -3.12
CA ASN A 825 -23.54 6.06 -2.91
C ASN A 825 -22.96 5.60 -4.22
N GLU A 826 -22.13 6.42 -4.83
CA GLU A 826 -21.50 6.08 -6.10
C GLU A 826 -19.98 6.30 -6.00
N ILE A 827 -19.24 5.34 -6.57
CA ILE A 827 -17.78 5.33 -6.49
C ILE A 827 -17.22 4.64 -7.73
N ILE A 828 -16.02 5.03 -8.14
CA ILE A 828 -15.46 4.53 -9.39
C ILE A 828 -14.49 3.40 -9.10
N PHE A 829 -14.58 2.35 -9.92
CA PHE A 829 -13.66 1.22 -9.89
C PHE A 829 -12.79 1.29 -11.13
N LYS A 830 -11.47 1.35 -10.97
CA LYS A 830 -10.56 1.60 -12.11
C LYS A 830 -9.45 0.56 -12.26
N ASN A 831 -9.58 -0.31 -13.28
CA ASN A 831 -8.64 -1.42 -13.45
C ASN A 831 -7.23 -1.06 -13.88
N GLY A 832 -7.07 -0.10 -14.76
CA GLY A 832 -5.75 0.14 -15.38
C GLY A 832 -4.62 0.81 -14.59
N ASP A 833 -4.93 1.91 -13.89
CA ASP A 833 -3.94 2.84 -13.31
C ASP A 833 -3.47 2.38 -11.96
N ASP A 834 -2.30 2.91 -11.56
CA ASP A 834 -1.71 2.66 -10.26
C ASP A 834 -2.10 3.78 -9.29
N LEU A 835 -3.07 3.48 -8.43
CA LEU A 835 -3.69 4.47 -7.57
C LEU A 835 -2.78 5.05 -6.49
N ARG A 836 -1.71 4.34 -6.12
CA ARG A 836 -1.02 4.67 -4.87
C ARG A 836 -0.17 5.97 -4.82
N GLN A 837 0.15 6.56 -5.97
CA GLN A 837 0.71 7.91 -5.98
C GLN A 837 -0.41 8.83 -5.50
N ASP A 838 -1.51 8.82 -6.24
CA ASP A 838 -2.69 9.63 -5.90
C ASP A 838 -3.08 9.44 -4.43
N MET A 839 -3.30 8.19 -4.05
CA MET A 839 -3.61 7.80 -2.67
C MET A 839 -2.73 8.57 -1.65
N LEU A 840 -1.42 8.59 -1.91
CA LEU A 840 -0.48 9.29 -1.04
C LEU A 840 -0.58 10.80 -1.14
N THR A 841 -0.56 11.36 -2.35
CA THR A 841 -0.65 12.85 -2.48
C THR A 841 -1.94 13.31 -1.76
N LEU A 842 -3.06 12.63 -2.02
CA LEU A 842 -4.33 12.87 -1.30
C LEU A 842 -4.16 12.92 0.22
N GLN A 843 -3.48 11.91 0.76
CA GLN A 843 -3.14 11.89 2.19
C GLN A 843 -2.34 13.11 2.60
N ILE A 844 -1.32 13.43 1.83
CA ILE A 844 -0.42 14.54 2.17
C ILE A 844 -1.20 15.86 2.26
N ILE A 845 -2.13 16.06 1.31
CA ILE A 845 -3.13 17.15 1.32
C ILE A 845 -3.96 17.18 2.62
N ARG A 846 -4.68 16.09 2.89
CA ARG A 846 -5.48 15.95 4.13
C ARG A 846 -4.75 16.44 5.38
N ILE A 847 -3.44 16.21 5.41
CA ILE A 847 -2.61 16.58 6.55
C ILE A 847 -2.28 18.07 6.50
N MET A 848 -1.85 18.58 5.35
CA MET A 848 -1.68 20.04 5.16
C MET A 848 -2.92 20.81 5.55
N GLU A 849 -4.09 20.22 5.28
CA GLU A 849 -5.36 20.82 5.66
C GLU A 849 -5.43 20.86 7.18
N ASN A 850 -5.39 19.69 7.81
CA ASN A 850 -5.44 19.62 9.28
C ASN A 850 -4.41 20.54 9.93
N ILE A 851 -3.24 20.72 9.29
CA ILE A 851 -2.19 21.62 9.82
C ILE A 851 -2.66 23.05 9.78
N TRP A 852 -3.06 23.48 8.59
CA TRP A 852 -3.55 24.84 8.39
C TRP A 852 -4.70 25.17 9.32
N GLN A 853 -5.65 24.24 9.47
CA GLN A 853 -6.92 24.51 10.15
C GLN A 853 -6.79 24.50 11.68
N ASN A 854 -6.03 23.53 12.21
CA ASN A 854 -5.72 23.46 13.64
C ASN A 854 -4.78 24.59 14.05
N GLN A 855 -4.21 25.27 13.07
CA GLN A 855 -3.45 26.49 13.28
C GLN A 855 -4.19 27.73 12.71
N GLY A 856 -5.50 27.77 13.00
CA GLY A 856 -6.36 28.93 12.73
C GLY A 856 -6.43 29.58 11.35
N LEU A 857 -6.39 28.81 10.27
CA LEU A 857 -6.54 29.39 8.92
C LEU A 857 -7.16 28.41 7.88
N ASP A 858 -8.23 28.87 7.25
CA ASP A 858 -9.28 28.02 6.70
C ASP A 858 -9.15 27.99 5.19
N LEU A 859 -8.20 27.21 4.71
CA LEU A 859 -8.16 26.84 3.32
C LEU A 859 -8.86 25.49 3.24
N ARG A 860 -9.77 25.31 2.27
CA ARG A 860 -10.55 24.06 2.17
C ARG A 860 -10.12 23.14 1.03
N MET A 861 -9.51 22.05 1.44
CA MET A 861 -9.09 21.00 0.57
C MET A 861 -10.15 19.91 0.60
N LEU A 862 -10.21 19.15 -0.47
CA LEU A 862 -11.18 18.07 -0.63
C LEU A 862 -10.37 16.85 -1.08
N PRO A 863 -9.70 16.23 -0.10
CA PRO A 863 -9.04 14.98 -0.38
C PRO A 863 -10.08 13.91 -0.37
N TYR A 864 -10.62 13.66 -1.55
CA TYR A 864 -11.50 12.53 -1.80
C TYR A 864 -10.88 11.14 -1.51
N GLY A 865 -11.75 10.17 -1.34
CA GLY A 865 -11.33 8.79 -1.17
C GLY A 865 -10.67 8.13 -2.37
N CYS A 866 -9.54 7.47 -2.11
CA CYS A 866 -8.84 6.67 -3.10
C CYS A 866 -8.26 5.45 -2.41
N LEU A 867 -8.62 4.24 -2.86
CA LEU A 867 -8.07 3.02 -2.25
C LEU A 867 -7.53 2.13 -3.33
N SER A 868 -6.25 1.73 -3.19
CA SER A 868 -5.61 0.75 -4.06
C SER A 868 -5.83 -0.58 -3.40
N ILE A 869 -6.56 -1.44 -4.09
CA ILE A 869 -6.96 -2.76 -3.55
C ILE A 869 -6.18 -3.89 -4.21
N GLY A 870 -5.15 -3.53 -4.96
CA GLY A 870 -4.41 -4.51 -5.71
C GLY A 870 -3.40 -3.91 -6.64
N ASP A 871 -2.94 -4.73 -7.56
CA ASP A 871 -1.96 -4.34 -8.54
C ASP A 871 -2.65 -3.52 -9.63
N CYS A 872 -2.48 -2.20 -9.54
CA CYS A 872 -3.15 -1.24 -10.39
C CYS A 872 -4.65 -1.41 -10.43
N VAL A 873 -5.25 -1.67 -9.27
CA VAL A 873 -6.69 -1.76 -9.17
C VAL A 873 -7.11 -0.88 -8.01
N GLY A 874 -8.30 -0.28 -8.12
CA GLY A 874 -8.78 0.57 -7.03
C GLY A 874 -10.13 1.25 -7.13
N LEU A 875 -10.40 2.03 -6.09
CA LEU A 875 -11.65 2.72 -5.88
C LEU A 875 -11.41 4.23 -5.69
N ILE A 876 -12.26 5.04 -6.32
CA ILE A 876 -12.18 6.50 -6.18
C ILE A 876 -13.55 7.09 -5.85
N GLU A 877 -13.57 7.92 -4.79
CA GLU A 877 -14.79 8.53 -4.27
C GLU A 877 -15.23 9.49 -5.32
N VAL A 878 -16.53 9.49 -5.58
CA VAL A 878 -17.18 10.46 -6.44
C VAL A 878 -17.71 11.63 -5.63
N VAL A 879 -17.27 12.82 -6.01
CA VAL A 879 -17.79 14.05 -5.44
C VAL A 879 -18.96 14.49 -6.34
N ARG A 880 -20.17 14.32 -5.82
CA ARG A 880 -21.38 14.72 -6.53
C ARG A 880 -21.30 16.22 -6.70
N ASN A 881 -21.85 16.72 -7.81
CA ASN A 881 -21.97 18.16 -8.07
C ASN A 881 -20.61 18.80 -8.27
N SER A 882 -19.84 18.24 -9.17
CA SER A 882 -18.53 18.78 -9.52
C SER A 882 -18.28 18.52 -10.99
N HIS A 883 -17.57 19.44 -11.63
CA HIS A 883 -17.32 19.32 -13.06
C HIS A 883 -15.93 19.76 -13.37
N THR A 884 -15.36 19.17 -14.41
CA THR A 884 -14.08 19.64 -14.89
C THR A 884 -14.34 21.03 -15.45
N ILE A 885 -13.37 21.93 -15.26
CA ILE A 885 -13.43 23.28 -15.83
C ILE A 885 -13.85 23.13 -17.32
N MET A 886 -13.27 22.14 -17.99
CA MET A 886 -13.57 21.86 -19.39
C MET A 886 -15.03 21.51 -19.71
N GLN A 887 -15.77 20.86 -18.81
CA GLN A 887 -17.26 20.72 -18.99
C GLN A 887 -17.95 22.07 -18.87
N ILE A 888 -17.62 22.78 -17.78
CA ILE A 888 -18.10 24.13 -17.52
C ILE A 888 -17.90 25.07 -18.72
N GLN A 889 -16.77 24.92 -19.41
CA GLN A 889 -16.50 25.67 -20.63
C GLN A 889 -17.26 25.17 -21.85
N CYS A 890 -17.41 23.85 -22.00
CA CYS A 890 -18.22 23.27 -23.08
C CYS A 890 -19.69 23.61 -22.95
N LYS A 891 -20.28 23.36 -21.78
CA LYS A 891 -21.71 23.62 -21.54
C LYS A 891 -22.09 25.11 -21.53
N GLY A 892 -21.14 26.01 -21.26
CA GLY A 892 -21.35 27.46 -21.42
C GLY A 892 -21.01 28.09 -22.78
N GLY A 893 -20.37 27.33 -23.67
CA GLY A 893 -19.83 27.82 -24.93
C GLY A 893 -20.90 28.17 -25.95
N LEU A 894 -21.00 29.47 -26.27
CA LEU A 894 -21.91 29.97 -27.31
C LEU A 894 -21.33 29.61 -28.68
N LYS A 895 -22.19 29.20 -29.61
CA LYS A 895 -21.76 28.76 -30.95
C LYS A 895 -21.27 29.93 -31.79
N PHE A 900 -14.40 29.72 -26.08
CA PHE A 900 -15.00 29.77 -24.76
C PHE A 900 -14.46 30.99 -24.05
N ASN A 901 -15.38 31.86 -23.63
CA ASN A 901 -15.02 33.10 -22.95
C ASN A 901 -14.43 32.82 -21.56
N SER A 902 -13.38 33.56 -21.18
CA SER A 902 -12.74 33.44 -19.85
C SER A 902 -13.71 33.55 -18.66
N HIS A 903 -14.80 34.28 -18.87
CA HIS A 903 -15.80 34.45 -17.84
C HIS A 903 -16.67 33.19 -17.64
N THR A 904 -16.91 32.38 -18.68
CA THR A 904 -17.85 31.23 -18.57
C THR A 904 -17.82 30.56 -17.17
N LEU A 905 -16.62 30.35 -16.62
CA LEU A 905 -16.48 29.77 -15.25
C LEU A 905 -17.18 30.64 -14.24
N HIS A 906 -16.76 31.90 -14.19
CA HIS A 906 -17.40 32.87 -13.33
C HIS A 906 -18.91 32.98 -13.55
N GLN A 907 -19.34 32.94 -14.81
CA GLN A 907 -20.75 33.03 -15.18
C GLN A 907 -21.48 31.82 -14.65
N TRP A 908 -20.96 30.66 -14.98
CA TRP A 908 -21.48 29.39 -14.46
C TRP A 908 -21.66 29.41 -12.94
N LEU A 909 -20.69 30.02 -12.25
CA LEU A 909 -20.64 30.03 -10.79
C LEU A 909 -21.70 30.96 -10.18
N LYS A 910 -21.81 32.19 -10.71
CA LYS A 910 -22.93 33.10 -10.35
C LYS A 910 -24.29 32.46 -10.53
N ASP A 911 -24.42 31.71 -11.62
CA ASP A 911 -25.69 31.07 -12.00
C ASP A 911 -26.10 29.99 -11.02
N LYS A 912 -25.15 29.40 -10.30
CA LYS A 912 -25.45 28.52 -9.15
C LYS A 912 -25.66 29.33 -7.88
N ASN A 913 -24.79 30.31 -7.67
CA ASN A 913 -24.72 31.05 -6.40
C ASN A 913 -25.15 32.50 -6.58
N LYS A 914 -26.39 32.78 -6.18
CA LYS A 914 -27.03 34.08 -6.37
C LYS A 914 -27.49 34.61 -5.02
N GLY A 915 -27.48 35.92 -4.85
CA GLY A 915 -27.82 36.53 -3.56
C GLY A 915 -26.56 36.73 -2.76
N GLU A 916 -26.67 36.68 -1.43
CA GLU A 916 -25.49 36.80 -0.57
C GLU A 916 -24.71 35.48 -0.50
N ILE A 917 -25.38 34.42 -0.97
CA ILE A 917 -24.75 33.11 -1.23
C ILE A 917 -23.49 33.32 -2.07
N TYR A 918 -23.65 33.94 -3.25
CA TYR A 918 -22.53 34.33 -4.13
C TYR A 918 -21.25 34.78 -3.39
N ASP A 919 -21.42 35.77 -2.49
CA ASP A 919 -20.31 36.37 -1.74
C ASP A 919 -19.46 35.36 -0.98
N ALA A 920 -20.14 34.42 -0.30
CA ALA A 920 -19.48 33.37 0.47
C ALA A 920 -18.93 32.27 -0.43
N ALA A 921 -19.66 31.96 -1.50
CA ALA A 921 -19.22 31.00 -2.53
C ALA A 921 -17.96 31.42 -3.29
N ILE A 922 -17.75 32.72 -3.46
CA ILE A 922 -16.45 33.22 -3.94
C ILE A 922 -15.38 33.07 -2.85
N ASP A 923 -15.74 33.26 -1.60
CA ASP A 923 -14.79 33.06 -0.52
C ASP A 923 -14.31 31.61 -0.47
N LEU A 924 -15.20 30.68 -0.81
CA LEU A 924 -14.86 29.24 -0.83
C LEU A 924 -13.84 28.93 -1.93
N PHE A 925 -14.14 29.39 -3.15
CA PHE A 925 -13.25 29.34 -4.31
C PHE A 925 -11.91 30.03 -4.02
N THR A 926 -11.94 31.21 -3.42
CA THR A 926 -10.73 31.94 -3.06
C THR A 926 -9.91 31.15 -2.02
N ARG A 927 -10.58 30.58 -1.02
CA ARG A 927 -9.88 29.85 0.04
C ARG A 927 -9.31 28.51 -0.43
N SER A 928 -10.10 27.73 -1.18
CA SER A 928 -9.62 26.42 -1.68
C SER A 928 -8.47 26.61 -2.66
N CYS A 929 -8.68 27.50 -3.62
CA CYS A 929 -7.71 27.79 -4.70
C CYS A 929 -6.33 28.27 -4.21
N ALA A 930 -6.30 28.88 -3.02
CA ALA A 930 -5.06 29.26 -2.37
C ALA A 930 -4.34 28.04 -1.83
N GLY A 931 -5.06 27.24 -1.04
CA GLY A 931 -4.51 26.00 -0.51
C GLY A 931 -4.03 25.08 -1.61
N TYR A 932 -4.87 24.86 -2.62
CA TYR A 932 -4.48 24.00 -3.71
C TYR A 932 -3.28 24.57 -4.48
N CYS A 933 -3.09 25.89 -4.49
CA CYS A 933 -1.87 26.49 -5.10
C CYS A 933 -0.58 26.03 -4.39
N VAL A 934 -0.57 26.23 -3.08
CA VAL A 934 0.59 26.00 -2.22
C VAL A 934 0.97 24.54 -2.08
N ALA A 935 -0.02 23.70 -1.84
CA ALA A 935 0.22 22.26 -1.80
C ALA A 935 0.81 21.79 -3.11
N THR A 936 0.13 22.14 -4.20
CA THR A 936 0.55 21.75 -5.53
C THR A 936 1.99 22.12 -5.83
N PHE A 937 2.33 23.38 -5.56
CA PHE A 937 3.69 23.88 -5.70
C PHE A 937 4.70 23.09 -4.87
N ILE A 938 4.43 22.99 -3.56
CA ILE A 938 5.29 22.27 -2.59
C ILE A 938 5.59 20.82 -2.98
N LEU A 939 4.55 20.10 -3.41
CA LEU A 939 4.70 18.70 -3.83
C LEU A 939 5.32 18.60 -5.21
N GLY A 940 4.84 19.40 -6.14
CA GLY A 940 5.38 19.38 -7.50
C GLY A 940 4.68 18.34 -8.35
N ILE A 941 3.41 18.12 -8.04
CA ILE A 941 2.51 17.27 -8.85
C ILE A 941 2.47 17.68 -10.33
N GLY A 942 1.81 16.87 -11.17
CA GLY A 942 1.76 17.09 -12.62
C GLY A 942 1.16 18.44 -12.97
N ASP A 943 1.44 18.91 -14.18
CA ASP A 943 0.85 20.19 -14.66
C ASP A 943 -0.68 20.14 -14.51
N ARG A 944 -1.26 21.19 -13.92
CA ARG A 944 -2.73 21.32 -13.81
C ARG A 944 -3.33 21.92 -15.07
N HIS A 945 -4.50 21.43 -15.48
CA HIS A 945 -5.20 21.96 -16.65
C HIS A 945 -6.72 21.68 -16.62
N ASN A 946 -7.45 22.20 -17.60
CA ASN A 946 -8.93 22.23 -17.58
C ASN A 946 -9.69 20.94 -17.35
N SER A 947 -9.11 19.79 -17.73
CA SER A 947 -9.75 18.48 -17.50
C SER A 947 -9.22 17.71 -16.26
N ASN A 948 -8.26 18.29 -15.52
CA ASN A 948 -7.94 17.79 -14.18
C ASN A 948 -8.15 18.82 -13.05
N ILE A 949 -8.93 19.86 -13.31
CA ILE A 949 -9.34 20.79 -12.26
C ILE A 949 -10.85 20.78 -12.22
N MET A 950 -11.41 20.82 -11.02
CA MET A 950 -12.84 20.61 -10.83
C MET A 950 -13.46 21.60 -9.84
N VAL A 951 -14.60 22.18 -10.23
CA VAL A 951 -15.30 23.11 -9.35
C VAL A 951 -16.72 22.61 -9.07
N LYS A 952 -17.14 22.84 -7.83
CA LYS A 952 -18.43 22.39 -7.33
C LYS A 952 -19.45 23.51 -7.39
N ASP A 953 -20.73 23.10 -7.40
CA ASP A 953 -21.88 24.02 -7.42
C ASP A 953 -21.78 25.12 -6.35
N ASP A 954 -21.35 24.77 -5.14
CA ASP A 954 -21.18 25.75 -4.04
C ASP A 954 -19.92 26.61 -4.15
N GLY A 955 -19.02 26.25 -5.06
CA GLY A 955 -17.90 27.10 -5.45
C GLY A 955 -16.52 26.65 -4.97
N GLN A 956 -16.43 25.42 -4.48
CA GLN A 956 -15.13 24.87 -4.10
C GLN A 956 -14.48 24.31 -5.34
N LEU A 957 -13.15 24.49 -5.37
CA LEU A 957 -12.32 23.97 -6.43
C LEU A 957 -11.32 23.01 -5.80
N PHE A 958 -10.92 22.02 -6.59
CA PHE A 958 -10.01 20.95 -6.14
C PHE A 958 -9.45 20.21 -7.34
N HIS A 959 -8.28 19.60 -7.19
CA HIS A 959 -7.63 18.84 -8.27
C HIS A 959 -7.87 17.34 -8.18
N ILE A 960 -7.74 16.68 -9.34
CA ILE A 960 -7.85 15.22 -9.48
C ILE A 960 -6.73 14.67 -10.39
N ASP A 961 -6.59 13.34 -10.47
CA ASP A 961 -5.51 12.68 -11.25
C ASP A 961 -4.24 13.51 -11.18
N PHE A 962 -3.55 13.40 -10.05
CA PHE A 962 -2.38 14.22 -9.76
C PHE A 962 -1.13 13.84 -10.57
N GLY A 963 -1.02 12.55 -10.91
CA GLY A 963 0.16 12.04 -11.58
C GLY A 963 1.39 12.08 -10.68
N HIS A 964 2.55 12.29 -11.31
CA HIS A 964 3.85 12.06 -10.67
C HIS A 964 4.16 13.17 -9.67
N PHE A 965 4.42 12.82 -8.40
CA PHE A 965 4.36 13.85 -7.34
C PHE A 965 5.60 14.67 -7.08
N LEU A 966 6.79 14.11 -7.05
CA LEU A 966 7.95 14.95 -6.69
C LEU A 966 8.70 15.64 -7.86
N ASP A 967 8.03 15.81 -9.00
CA ASP A 967 8.57 16.49 -10.20
C ASP A 967 9.33 15.47 -11.05
N HIS A 968 8.64 14.38 -11.36
CA HIS A 968 9.26 13.18 -11.90
C HIS A 968 9.60 13.37 -13.36
N LYS A 969 8.59 13.67 -14.17
CA LYS A 969 8.80 13.83 -15.61
C LYS A 969 9.75 15.00 -15.90
N LYS A 970 9.57 16.12 -15.20
CA LYS A 970 10.36 17.34 -15.49
C LYS A 970 11.87 17.19 -15.23
N LYS A 971 12.28 16.40 -14.24
CA LYS A 971 13.71 16.32 -13.88
C LYS A 971 14.65 15.65 -14.94
N LYS A 972 14.09 14.91 -15.90
CA LYS A 972 14.87 14.40 -17.05
C LYS A 972 15.14 15.52 -18.04
N ARG A 977 15.09 23.70 -11.49
CA ARG A 977 13.89 23.70 -12.34
C ARG A 977 12.69 24.38 -11.65
N GLU A 978 12.28 23.83 -10.50
CA GLU A 978 11.27 24.43 -9.59
C GLU A 978 10.01 24.94 -10.29
N ARG A 979 9.23 24.00 -10.79
CA ARG A 979 8.05 24.29 -11.58
C ARG A 979 6.91 24.79 -10.70
N VAL A 980 5.98 25.50 -11.33
CA VAL A 980 4.71 25.88 -10.70
C VAL A 980 3.56 25.20 -11.47
N PRO A 981 2.99 24.10 -10.90
CA PRO A 981 1.98 23.32 -11.63
C PRO A 981 0.58 23.94 -11.67
N PHE A 982 0.24 24.80 -10.71
CA PHE A 982 -1.07 25.45 -10.70
C PHE A 982 -0.91 26.91 -11.12
N VAL A 983 -1.07 27.11 -12.42
CA VAL A 983 -1.00 28.42 -13.04
C VAL A 983 -2.43 28.94 -13.10
N LEU A 984 -2.70 29.93 -12.25
CA LEU A 984 -3.96 30.64 -12.23
C LEU A 984 -4.09 31.47 -13.48
N THR A 985 -4.80 30.94 -14.46
CA THR A 985 -5.15 31.71 -15.67
C THR A 985 -6.11 32.90 -15.33
N GLN A 986 -6.54 33.61 -16.38
CA GLN A 986 -7.48 34.71 -16.23
C GLN A 986 -8.81 34.20 -15.66
N ASP A 987 -9.32 33.11 -16.25
CA ASP A 987 -10.55 32.43 -15.79
C ASP A 987 -10.71 32.48 -14.26
N PHE A 988 -9.63 32.12 -13.56
CA PHE A 988 -9.60 31.99 -12.11
C PHE A 988 -9.59 33.36 -11.46
N LEU A 989 -8.65 34.20 -11.91
CA LEU A 989 -8.46 35.53 -11.35
C LEU A 989 -9.74 36.41 -11.40
N ILE A 990 -10.48 36.28 -12.51
CA ILE A 990 -11.83 36.85 -12.68
C ILE A 990 -12.76 36.41 -11.53
N VAL A 991 -12.81 35.11 -11.27
CA VAL A 991 -13.68 34.57 -10.23
C VAL A 991 -13.27 35.09 -8.86
N ILE A 992 -11.97 35.24 -8.62
CA ILE A 992 -11.46 35.80 -7.37
C ILE A 992 -11.94 37.25 -7.22
N SER A 993 -11.96 37.99 -8.33
CA SER A 993 -12.37 39.39 -8.33
C SER A 993 -13.77 39.57 -8.95
N LYS A 994 -14.75 39.66 -8.07
CA LYS A 994 -16.16 39.32 -8.37
C LYS A 994 -16.66 39.83 -9.71
N GLY A 995 -16.52 41.14 -9.95
CA GLY A 995 -16.68 41.73 -11.28
C GLY A 995 -15.36 42.05 -11.97
N ALA A 996 -14.50 42.74 -11.22
CA ALA A 996 -13.34 43.52 -11.73
C ALA A 996 -12.62 43.04 -13.00
N GLN A 997 -12.18 44.03 -13.78
CA GLN A 997 -11.07 43.87 -14.72
C GLN A 997 -9.80 44.40 -14.07
N GLU A 998 -8.66 44.00 -14.62
CA GLU A 998 -7.37 44.14 -13.95
C GLU A 998 -7.45 43.56 -12.52
N CYS A 999 -7.48 42.24 -12.51
CA CYS A 999 -7.59 41.44 -11.31
C CYS A 999 -6.33 41.42 -10.48
N THR A 1000 -5.17 41.65 -11.12
CA THR A 1000 -3.90 41.89 -10.41
C THR A 1000 -4.05 42.90 -9.27
N LYS A 1001 -4.86 43.94 -9.51
CA LYS A 1001 -4.84 45.16 -8.72
C LYS A 1001 -5.84 45.20 -7.56
N THR A 1002 -6.81 44.27 -7.54
CA THR A 1002 -7.89 44.32 -6.52
C THR A 1002 -7.38 44.00 -5.11
N ARG A 1003 -8.24 44.19 -4.11
CA ARG A 1003 -7.95 43.71 -2.76
C ARG A 1003 -8.10 42.19 -2.72
N GLU A 1004 -9.03 41.65 -3.52
CA GLU A 1004 -9.36 40.21 -3.49
C GLU A 1004 -8.08 39.39 -3.69
N PHE A 1005 -7.28 39.83 -4.66
CA PHE A 1005 -5.98 39.23 -4.97
C PHE A 1005 -4.93 39.45 -3.87
N GLU A 1006 -4.94 40.62 -3.25
CA GLU A 1006 -4.06 40.86 -2.10
C GLU A 1006 -4.45 39.89 -0.99
N ARG A 1007 -5.74 39.85 -0.68
CA ARG A 1007 -6.31 38.85 0.24
C ARG A 1007 -5.79 37.45 -0.09
N PHE A 1008 -5.99 37.06 -1.35
CA PHE A 1008 -5.61 35.73 -1.88
C PHE A 1008 -4.11 35.48 -1.75
N GLN A 1009 -3.33 36.49 -2.09
CA GLN A 1009 -1.88 36.44 -1.92
C GLN A 1009 -1.52 36.19 -0.47
N GLU A 1010 -2.19 36.89 0.45
CA GLU A 1010 -1.91 36.69 1.88
C GLU A 1010 -2.21 35.25 2.32
N MET A 1011 -3.30 34.67 1.81
CA MET A 1011 -3.65 33.28 2.15
C MET A 1011 -2.55 32.35 1.67
N CYS A 1012 -2.08 32.54 0.43
CA CYS A 1012 -0.93 31.81 -0.10
C CYS A 1012 0.31 31.92 0.81
N TYR A 1013 0.66 33.12 1.25
CA TYR A 1013 1.89 33.32 2.04
C TYR A 1013 1.79 32.71 3.42
N LYS A 1014 0.63 32.87 4.07
CA LYS A 1014 0.39 32.27 5.39
C LYS A 1014 0.35 30.74 5.36
N ALA A 1015 -0.18 30.18 4.28
CA ALA A 1015 -0.20 28.72 4.11
C ALA A 1015 1.20 28.16 3.91
N TYR A 1016 1.96 28.76 2.99
CA TYR A 1016 3.30 28.26 2.64
C TYR A 1016 4.26 28.20 3.83
N LEU A 1017 4.25 29.22 4.68
CA LEU A 1017 5.11 29.25 5.86
C LEU A 1017 4.64 28.28 6.92
N ALA A 1018 3.32 28.06 6.96
CA ALA A 1018 2.72 27.09 7.88
C ALA A 1018 3.23 25.67 7.64
N ILE A 1019 3.34 25.29 6.36
CA ILE A 1019 3.86 23.97 5.95
C ILE A 1019 5.38 23.88 6.15
N ARG A 1020 6.06 25.02 5.96
CA ARG A 1020 7.51 25.10 6.14
C ARG A 1020 7.96 24.83 7.58
N GLN A 1021 7.07 25.06 8.54
CA GLN A 1021 7.37 24.76 9.93
C GLN A 1021 7.12 23.30 10.33
N HIS A 1022 6.31 22.59 9.55
CA HIS A 1022 6.10 21.15 9.76
C HIS A 1022 6.76 20.30 8.67
N ALA A 1023 7.80 20.81 8.02
CA ALA A 1023 8.46 20.11 6.91
C ALA A 1023 9.17 18.82 7.36
N ASN A 1024 9.67 18.82 8.59
CA ASN A 1024 10.23 17.61 9.21
C ASN A 1024 9.32 16.41 9.03
N LEU A 1025 8.03 16.60 9.31
CA LEU A 1025 7.01 15.59 9.08
C LEU A 1025 6.89 15.21 7.62
N PHE A 1026 6.72 16.18 6.74
CA PHE A 1026 6.50 15.87 5.32
C PHE A 1026 7.67 15.16 4.64
N ILE A 1027 8.88 15.51 5.05
CA ILE A 1027 10.10 14.78 4.68
C ILE A 1027 9.95 13.32 5.12
N ASN A 1028 9.73 13.12 6.42
CA ASN A 1028 9.63 11.78 7.04
C ASN A 1028 8.49 10.92 6.51
N LEU A 1029 7.33 11.51 6.28
CA LEU A 1029 6.24 10.77 5.67
C LEU A 1029 6.70 10.19 4.34
N PHE A 1030 7.30 11.03 3.50
CA PHE A 1030 7.85 10.56 2.22
C PHE A 1030 8.97 9.55 2.41
N SER A 1031 9.86 9.81 3.37
CA SER A 1031 10.94 8.88 3.68
C SER A 1031 10.46 7.47 4.02
N MET A 1032 9.39 7.38 4.81
CA MET A 1032 8.77 6.10 5.12
C MET A 1032 8.17 5.42 3.88
N MET A 1033 7.78 6.22 2.88
CA MET A 1033 7.17 5.70 1.65
C MET A 1033 8.14 5.14 0.61
N LEU A 1034 9.44 5.31 0.87
CA LEU A 1034 10.49 4.67 0.04
C LEU A 1034 10.25 3.17 -0.12
N GLY A 1035 9.70 2.53 0.92
CA GLY A 1035 9.35 1.11 0.92
C GLY A 1035 8.60 0.61 -0.31
N SER A 1036 7.50 1.30 -0.65
CA SER A 1036 6.77 0.99 -1.87
C SER A 1036 7.65 1.36 -3.05
N GLY A 1037 7.65 0.50 -4.06
CA GLY A 1037 8.39 0.75 -5.29
C GLY A 1037 7.59 1.68 -6.15
N MET A 1038 7.50 2.92 -5.71
CA MET A 1038 6.87 3.95 -6.50
C MET A 1038 8.08 4.56 -7.17
N PRO A 1039 8.06 4.68 -8.50
CA PRO A 1039 9.24 5.22 -9.18
C PRO A 1039 9.62 6.66 -8.77
N GLU A 1040 8.61 7.44 -8.40
CA GLU A 1040 8.78 8.83 -7.97
C GLU A 1040 9.48 8.93 -6.59
N LEU A 1041 9.45 7.83 -5.81
CA LEU A 1041 10.22 7.68 -4.58
C LEU A 1041 11.10 6.44 -4.63
N GLN A 1042 12.25 6.56 -5.29
CA GLN A 1042 13.24 5.49 -5.28
C GLN A 1042 14.35 5.72 -4.25
N SER A 1043 14.68 6.98 -4.00
CA SER A 1043 15.80 7.30 -3.11
C SER A 1043 15.62 8.69 -2.49
N PHE A 1044 16.35 8.93 -1.40
CA PHE A 1044 16.23 10.18 -0.63
C PHE A 1044 16.34 11.46 -1.46
N ASP A 1045 17.22 11.46 -2.45
CA ASP A 1045 17.38 12.63 -3.31
C ASP A 1045 16.11 12.95 -4.14
N ASP A 1046 15.23 11.97 -4.36
CA ASP A 1046 13.89 12.26 -4.90
C ASP A 1046 13.06 13.14 -3.96
N ILE A 1047 13.13 12.81 -2.67
CA ILE A 1047 12.43 13.55 -1.62
C ILE A 1047 13.04 14.94 -1.46
N ALA A 1048 14.30 15.08 -1.83
CA ALA A 1048 14.99 16.36 -1.72
C ALA A 1048 14.31 17.53 -2.46
N TYR A 1049 13.49 17.27 -3.48
CA TYR A 1049 12.70 18.35 -4.13
C TYR A 1049 11.92 19.15 -3.11
N ILE A 1050 11.29 18.46 -2.15
CA ILE A 1050 10.45 19.11 -1.16
C ILE A 1050 11.24 20.07 -0.26
N ARG A 1051 12.57 19.92 -0.23
CA ARG A 1051 13.43 20.89 0.44
C ARG A 1051 13.48 22.19 -0.34
N LYS A 1052 13.84 22.12 -1.62
CA LYS A 1052 14.04 23.32 -2.44
C LYS A 1052 12.78 24.17 -2.47
N THR A 1053 11.68 23.48 -2.75
CA THR A 1053 10.38 24.09 -2.90
C THR A 1053 9.88 24.70 -1.59
N LEU A 1054 10.24 24.10 -0.45
CA LEU A 1054 9.99 24.71 0.85
C LEU A 1054 11.10 25.65 1.31
N ALA A 1055 12.26 25.60 0.63
CA ALA A 1055 13.40 26.48 0.90
C ALA A 1055 13.78 26.44 2.38
N LEU A 1056 14.39 25.34 2.77
CA LEU A 1056 14.77 25.08 4.17
C LEU A 1056 16.22 25.46 4.47
N ASP A 1057 17.04 25.50 3.42
CA ASP A 1057 18.41 26.01 3.51
C ASP A 1057 18.42 27.53 3.69
N LYS A 1058 17.34 28.20 3.32
CA LYS A 1058 17.18 29.65 3.47
C LYS A 1058 16.55 30.01 4.84
N THR A 1059 16.39 31.30 5.08
CA THR A 1059 15.67 31.79 6.25
C THR A 1059 14.25 32.08 5.83
N GLU A 1060 13.35 31.99 6.80
CA GLU A 1060 11.91 32.11 6.55
C GLU A 1060 11.51 33.31 5.70
N GLN A 1061 12.18 34.45 5.89
CA GLN A 1061 11.93 35.65 5.07
C GLN A 1061 12.38 35.50 3.61
N GLU A 1062 13.55 34.89 3.40
CA GLU A 1062 14.02 34.57 2.04
C GLU A 1062 13.06 33.61 1.38
N ALA A 1063 12.72 32.53 2.10
CA ALA A 1063 11.76 31.55 1.64
C ALA A 1063 10.50 32.23 1.08
N LEU A 1064 9.92 33.10 1.91
CA LEU A 1064 8.71 33.88 1.56
C LEU A 1064 8.83 34.58 0.21
N GLU A 1065 10.01 35.14 -0.04
CA GLU A 1065 10.32 35.86 -1.29
C GLU A 1065 10.50 34.90 -2.45
N TYR A 1066 11.24 33.81 -2.23
CA TYR A 1066 11.44 32.73 -3.23
C TYR A 1066 10.10 32.20 -3.73
N PHE A 1067 9.18 31.97 -2.79
CA PHE A 1067 7.84 31.51 -3.16
C PHE A 1067 7.20 32.53 -4.11
N MET A 1068 7.27 33.81 -3.75
CA MET A 1068 6.76 34.90 -4.60
C MET A 1068 7.50 35.02 -5.91
N LYS A 1069 8.82 34.89 -5.89
CA LYS A 1069 9.65 34.87 -7.11
C LYS A 1069 9.19 33.76 -8.04
N GLN A 1070 8.97 32.59 -7.46
CA GLN A 1070 8.52 31.42 -8.21
C GLN A 1070 7.11 31.67 -8.74
N MET A 1071 6.23 32.17 -7.87
CA MET A 1071 4.85 32.50 -8.27
C MET A 1071 4.80 33.58 -9.35
N ASN A 1072 5.69 34.57 -9.26
CA ASN A 1072 5.65 35.74 -10.15
C ASN A 1072 6.04 35.44 -11.62
N ASP A 1073 7.13 34.71 -11.82
CA ASP A 1073 7.61 34.35 -13.17
C ASP A 1073 6.69 33.38 -13.90
N ALA A 1074 6.05 32.49 -13.14
CA ALA A 1074 5.11 31.54 -13.71
C ALA A 1074 3.82 32.23 -14.18
N HIS A 1075 3.33 33.20 -13.40
CA HIS A 1075 2.09 33.93 -13.74
C HIS A 1075 2.34 35.12 -14.72
N HIS A 1076 3.58 35.65 -14.74
CA HIS A 1076 3.94 36.93 -15.41
C HIS A 1076 3.23 38.14 -14.78
N GLY A 1077 3.68 38.53 -13.58
CA GLY A 1077 3.22 39.74 -12.87
C GLY A 1077 2.21 39.58 -11.73
N GLY A 1078 2.42 40.32 -10.63
CA GLY A 1078 1.43 40.51 -9.58
C GLY A 1078 1.88 40.50 -8.12
N TRP A 1079 2.98 39.80 -7.81
CA TRP A 1079 3.27 39.34 -6.42
C TRP A 1079 4.51 40.03 -5.76
N ARG B 19 23.27 21.05 -1.31
CA ARG B 19 22.97 19.64 -0.88
C ARG B 19 22.27 18.76 -1.93
N GLU B 20 21.55 19.38 -2.85
CA GLU B 20 20.72 18.62 -3.81
C GLU B 20 21.58 18.22 -5.02
N GLU B 21 22.26 19.20 -5.59
CA GLU B 21 23.14 19.00 -6.75
C GLU B 21 24.43 18.22 -6.46
N VAL B 22 24.96 18.35 -5.24
CA VAL B 22 26.27 17.80 -4.85
C VAL B 22 26.21 16.27 -4.81
N ASN B 23 25.03 15.74 -4.49
CA ASN B 23 24.74 14.30 -4.60
C ASN B 23 24.58 13.80 -6.04
N GLU B 24 23.98 14.62 -6.92
CA GLU B 24 23.81 14.26 -8.36
C GLU B 24 25.06 14.45 -9.23
N LYS B 25 26.16 14.93 -8.65
CA LYS B 25 27.48 14.89 -9.27
C LYS B 25 28.43 13.90 -8.59
N LEU B 26 28.36 13.77 -7.26
CA LEU B 26 29.03 12.68 -6.54
C LEU B 26 28.39 11.29 -6.77
N ARG B 27 27.11 11.25 -7.16
CA ARG B 27 26.43 9.99 -7.51
C ARG B 27 27.18 9.26 -8.62
N ASP B 28 27.33 7.95 -8.45
CA ASP B 28 28.06 7.09 -9.39
C ASP B 28 29.56 7.51 -9.58
N THR B 29 30.26 7.74 -8.46
CA THR B 29 31.73 7.95 -8.45
C THR B 29 32.40 7.15 -7.30
N ALA B 30 33.73 7.15 -7.26
CA ALA B 30 34.50 6.18 -6.46
C ALA B 30 34.61 6.48 -4.94
N ASP B 31 35.39 5.65 -4.25
CA ASP B 31 35.61 5.74 -2.81
C ASP B 31 36.66 6.80 -2.49
N THR B 48 32.38 22.56 4.10
CA THR B 48 31.75 21.24 4.03
C THR B 48 32.32 20.40 2.88
N LEU B 49 33.52 19.83 3.09
CA LEU B 49 34.11 18.85 2.16
C LEU B 49 33.19 17.61 2.06
N THR B 50 32.48 17.51 0.93
CA THR B 50 31.54 16.39 0.67
C THR B 50 32.30 15.22 -0.02
N LEU B 51 33.08 14.51 0.78
CA LEU B 51 33.85 13.35 0.31
C LEU B 51 32.94 12.14 0.19
N ARG B 52 33.13 11.33 -0.85
CA ARG B 52 32.39 10.09 -1.03
C ARG B 52 33.28 8.86 -0.78
N LYS B 53 33.03 8.16 0.33
CA LYS B 53 33.68 6.88 0.62
C LYS B 53 32.80 5.74 0.12
N ASN B 56 27.80 6.55 0.11
CA ASN B 56 27.29 7.46 1.14
C ASN B 56 28.32 8.58 1.37
N ASN B 57 27.83 9.79 1.60
CA ASN B 57 28.65 11.02 1.59
C ASN B 57 29.14 11.44 3.00
N LYS B 58 30.47 11.34 3.22
CA LYS B 58 31.12 11.79 4.45
C LYS B 58 31.41 13.30 4.40
N LEU B 59 30.44 14.10 4.84
CA LEU B 59 30.59 15.57 4.92
C LEU B 59 31.58 15.90 6.03
N ILE B 60 32.37 16.95 5.84
CA ILE B 60 33.35 17.38 6.86
C ILE B 60 33.19 18.89 7.09
N SER B 91 43.97 10.44 2.77
CA SER B 91 43.59 9.54 3.85
C SER B 91 43.29 10.35 5.14
N LEU B 92 42.04 10.26 5.60
CA LEU B 92 41.59 10.93 6.83
C LEU B 92 41.35 9.91 7.98
N ALA B 93 42.27 8.96 8.12
CA ALA B 93 42.31 8.07 9.29
C ALA B 93 42.99 8.81 10.45
N GLN B 94 44.11 9.49 10.15
CA GLN B 94 44.80 10.35 11.15
C GLN B 94 43.98 11.57 11.66
N TYR B 95 43.01 12.02 10.86
CA TYR B 95 42.10 13.11 11.22
C TYR B 95 40.71 12.55 11.50
N ASP B 119 34.19 24.67 -28.22
CA ASP B 119 34.10 26.10 -27.92
C ASP B 119 33.12 26.81 -28.86
N ASN B 120 32.21 26.04 -29.44
CA ASN B 120 31.17 26.63 -30.28
C ASN B 120 30.14 27.36 -29.42
N ILE B 121 29.94 26.90 -28.18
CA ILE B 121 28.94 27.44 -27.25
C ILE B 121 27.55 26.98 -27.73
N GLU B 122 27.11 27.49 -28.88
CA GLU B 122 25.80 27.16 -29.46
C GLU B 122 25.63 25.69 -29.90
N ALA B 123 26.64 25.15 -30.59
CA ALA B 123 26.57 23.79 -31.19
C ALA B 123 26.62 22.64 -30.18
N VAL B 124 27.28 22.89 -29.05
CA VAL B 124 27.23 21.98 -27.90
C VAL B 124 25.83 22.03 -27.27
N GLY B 125 25.14 23.18 -27.39
CA GLY B 125 23.71 23.33 -27.06
C GLY B 125 22.73 22.45 -27.82
N LYS B 126 23.03 22.15 -29.08
CA LYS B 126 22.20 21.23 -29.88
C LYS B 126 22.46 19.78 -29.45
N LYS B 127 23.74 19.43 -29.33
CA LYS B 127 24.19 18.14 -28.80
C LYS B 127 23.46 17.71 -27.53
N LEU B 128 23.20 18.68 -26.66
CA LEU B 128 22.35 18.46 -25.48
C LEU B 128 21.02 17.87 -25.90
N HIS B 129 20.30 18.56 -26.79
CA HIS B 129 19.01 18.07 -27.27
C HIS B 129 19.12 16.71 -27.96
N GLU B 130 20.18 16.53 -28.76
CA GLU B 130 20.43 15.26 -29.46
C GLU B 130 20.67 14.08 -28.52
N TYR B 131 21.45 14.31 -27.45
CA TYR B 131 21.65 13.29 -26.44
C TYR B 131 20.46 13.19 -25.48
N ASN B 132 19.86 14.33 -25.14
CA ASN B 132 18.63 14.37 -24.32
C ASN B 132 17.40 13.75 -25.03
N THR B 133 17.49 13.58 -26.34
CA THR B 133 16.54 12.76 -27.10
C THR B 133 16.95 11.26 -27.17
N GLN B 134 18.25 10.97 -27.30
CA GLN B 134 18.78 9.58 -27.25
C GLN B 134 18.62 8.91 -25.89
N PHE B 135 18.80 9.70 -24.83
CA PHE B 135 18.64 9.27 -23.43
C PHE B 135 17.19 8.91 -23.11
N GLN B 136 16.27 9.81 -23.46
CA GLN B 136 14.82 9.60 -23.28
C GLN B 136 14.24 8.64 -24.32
N GLU B 137 14.87 8.54 -25.51
CA GLU B 137 14.59 7.47 -26.47
C GLU B 137 14.79 6.10 -25.81
N LYS B 138 15.92 5.95 -25.12
CA LYS B 138 16.30 4.68 -24.49
C LYS B 138 15.45 4.36 -23.25
N SER B 139 15.15 5.38 -22.46
CA SER B 139 14.30 5.27 -21.25
C SER B 139 13.08 4.35 -21.44
N ARG B 140 12.25 4.68 -22.43
CA ARG B 140 11.04 3.91 -22.75
C ARG B 140 11.35 2.50 -23.18
N GLU B 141 12.42 2.34 -23.98
CA GLU B 141 12.89 1.01 -24.41
C GLU B 141 13.36 0.17 -23.21
N TYR B 142 13.94 0.84 -22.22
CA TYR B 142 14.23 0.24 -20.91
C TYR B 142 12.94 -0.01 -20.10
N ASP B 143 11.99 0.93 -20.15
CA ASP B 143 10.70 0.78 -19.43
C ASP B 143 9.79 -0.32 -19.99
N ARG B 144 9.61 -0.35 -21.31
CA ARG B 144 8.79 -1.35 -21.99
C ARG B 144 9.22 -2.78 -21.66
N LEU B 145 10.54 -2.97 -21.63
CA LEU B 145 11.13 -4.27 -21.30
C LEU B 145 10.97 -4.65 -19.82
N TYR B 146 11.15 -3.71 -18.90
CA TYR B 146 10.99 -3.98 -17.46
C TYR B 146 9.56 -4.41 -17.09
N GLU B 147 8.57 -3.90 -17.84
CA GLU B 147 7.19 -4.40 -17.79
C GLU B 147 7.17 -5.84 -18.32
N GLU B 148 7.56 -6.03 -19.59
CA GLU B 148 7.64 -7.36 -20.23
C GLU B 148 8.36 -8.40 -19.38
N TYR B 149 9.39 -7.95 -18.66
CA TYR B 149 10.13 -8.79 -17.73
C TYR B 149 9.21 -9.27 -16.61
N THR B 150 8.59 -8.32 -15.89
CA THR B 150 7.71 -8.65 -14.75
C THR B 150 6.35 -9.22 -15.18
N ARG B 151 5.94 -8.95 -16.43
CA ARG B 151 4.84 -9.69 -17.08
C ARG B 151 5.22 -11.16 -17.15
N THR B 152 6.28 -11.43 -17.91
CA THR B 152 6.73 -12.81 -18.16
C THR B 152 7.15 -13.54 -16.89
N SER B 153 7.72 -12.82 -15.92
CA SER B 153 7.96 -13.34 -14.58
C SER B 153 6.66 -13.86 -13.92
N GLN B 154 5.58 -13.08 -14.05
CA GLN B 154 4.27 -13.47 -13.55
C GLN B 154 3.57 -14.47 -14.48
N GLU B 155 3.63 -14.22 -15.79
CA GLU B 155 3.12 -15.17 -16.78
C GLU B 155 3.74 -16.57 -16.60
N ILE B 156 5.05 -16.62 -16.33
CA ILE B 156 5.74 -17.87 -16.04
C ILE B 156 5.26 -18.44 -14.72
N GLN B 157 5.28 -17.64 -13.66
CA GLN B 157 4.83 -18.13 -12.36
C GLN B 157 3.38 -18.59 -12.40
N MET B 158 2.55 -17.94 -13.22
CA MET B 158 1.19 -18.42 -13.49
C MET B 158 1.21 -19.83 -14.10
N LYS B 159 1.98 -19.98 -15.17
CA LYS B 159 2.09 -21.27 -15.88
C LYS B 159 2.56 -22.44 -15.01
N ARG B 160 3.48 -22.18 -14.08
CA ARG B 160 3.97 -23.24 -13.19
C ARG B 160 2.86 -23.81 -12.30
N THR B 161 2.13 -22.91 -11.64
CA THR B 161 1.07 -23.31 -10.72
C THR B 161 -0.04 -24.02 -11.48
N ALA B 162 -0.27 -23.59 -12.71
CA ALA B 162 -1.23 -24.26 -13.61
C ALA B 162 -0.84 -25.71 -13.85
N ILE B 163 0.47 -25.95 -14.01
CA ILE B 163 0.99 -27.31 -14.09
C ILE B 163 0.81 -28.02 -12.75
N GLU B 164 1.22 -27.37 -11.65
CA GLU B 164 1.03 -27.94 -10.30
C GLU B 164 -0.43 -28.38 -10.12
N ALA B 165 -1.35 -27.60 -10.68
CA ALA B 165 -2.78 -27.89 -10.63
C ALA B 165 -3.15 -29.06 -11.53
N PHE B 166 -2.68 -29.03 -12.77
CA PHE B 166 -2.89 -30.13 -13.74
C PHE B 166 -2.53 -31.47 -13.15
N ASN B 167 -1.31 -31.51 -12.63
CA ASN B 167 -0.73 -32.71 -12.01
C ASN B 167 -1.59 -33.23 -10.87
N GLU B 168 -2.12 -32.30 -10.07
CA GLU B 168 -3.08 -32.62 -9.01
C GLU B 168 -4.42 -33.10 -9.60
N THR B 169 -4.90 -32.40 -10.65
CA THR B 169 -6.11 -32.80 -11.39
C THR B 169 -5.99 -34.24 -11.86
N ILE B 170 -4.88 -34.54 -12.56
CA ILE B 170 -4.57 -35.86 -13.11
C ILE B 170 -4.54 -36.91 -12.01
N LYS B 171 -3.79 -36.62 -10.95
CA LYS B 171 -3.74 -37.50 -9.79
C LYS B 171 -5.13 -37.94 -9.31
N ILE B 172 -6.15 -37.06 -9.41
CA ILE B 172 -7.50 -37.42 -8.97
C ILE B 172 -8.18 -38.30 -10.00
N PHE B 173 -7.91 -38.03 -11.28
CA PHE B 173 -8.37 -38.89 -12.36
C PHE B 173 -7.68 -40.25 -12.34
N GLU B 174 -6.36 -40.26 -12.10
CA GLU B 174 -5.62 -41.51 -11.90
C GLU B 174 -6.26 -42.26 -10.72
N GLU B 175 -6.40 -41.57 -9.58
CA GLU B 175 -7.08 -42.15 -8.42
C GLU B 175 -8.46 -42.67 -8.76
N GLN B 176 -9.20 -41.93 -9.59
CA GLN B 176 -10.55 -42.33 -9.99
C GLN B 176 -10.57 -43.62 -10.83
N CYS B 177 -9.65 -43.73 -11.81
CA CYS B 177 -9.59 -44.92 -12.66
C CYS B 177 -9.21 -46.15 -11.84
N GLN B 178 -8.37 -45.95 -10.83
CA GLN B 178 -8.08 -47.00 -9.83
C GLN B 178 -9.32 -47.26 -8.96
N THR B 179 -10.02 -46.20 -8.56
CA THR B 179 -11.25 -46.29 -7.76
C THR B 179 -12.35 -47.06 -8.48
N GLN B 180 -12.37 -47.00 -9.81
CA GLN B 180 -13.36 -47.77 -10.56
C GLN B 180 -12.92 -49.23 -10.67
N GLU B 181 -11.65 -49.48 -11.00
CA GLU B 181 -11.09 -50.84 -11.01
C GLU B 181 -11.21 -51.59 -9.67
N ARG B 182 -11.43 -50.89 -8.56
CA ARG B 182 -11.90 -51.51 -7.32
C ARG B 182 -13.33 -52.04 -7.49
N TYR B 183 -14.31 -51.13 -7.53
CA TYR B 183 -15.74 -51.51 -7.42
C TYR B 183 -16.40 -51.97 -8.74
N SER B 184 -15.71 -51.78 -9.87
CA SER B 184 -16.17 -52.28 -11.17
C SER B 184 -15.85 -53.77 -11.29
N LYS B 185 -14.59 -54.11 -11.01
CA LYS B 185 -14.11 -55.50 -11.06
C LYS B 185 -14.62 -56.35 -9.89
N GLU B 186 -15.15 -55.71 -8.84
CA GLU B 186 -15.92 -56.40 -7.82
C GLU B 186 -17.30 -56.75 -8.37
N TYR B 187 -17.90 -55.84 -9.14
CA TYR B 187 -19.25 -56.07 -9.69
C TYR B 187 -19.30 -56.84 -10.99
N ILE B 188 -18.18 -56.95 -11.69
CA ILE B 188 -18.08 -57.95 -12.76
C ILE B 188 -18.32 -59.33 -12.12
N GLU B 189 -17.48 -59.74 -11.17
CA GLU B 189 -17.56 -61.09 -10.57
C GLU B 189 -18.60 -61.23 -9.45
N LYS B 190 -19.30 -60.15 -9.07
CA LYS B 190 -20.38 -60.26 -8.10
C LYS B 190 -21.53 -61.06 -8.72
N PHE B 191 -21.96 -60.64 -9.92
CA PHE B 191 -22.90 -61.41 -10.72
C PHE B 191 -22.17 -62.01 -11.94
N LYS B 192 -21.81 -61.16 -12.91
CA LYS B 192 -21.25 -61.59 -14.20
C LYS B 192 -22.18 -62.47 -15.05
N ARG B 193 -23.47 -62.51 -14.67
CA ARG B 193 -24.48 -63.39 -15.28
C ARG B 193 -25.59 -62.55 -15.91
N GLU B 194 -26.22 -61.73 -15.08
CA GLU B 194 -27.42 -60.96 -15.45
C GLU B 194 -27.07 -59.70 -16.24
N GLY B 195 -27.26 -59.76 -17.56
CA GLY B 195 -26.90 -58.67 -18.46
C GLY B 195 -25.40 -58.44 -18.43
N ASN B 196 -24.65 -59.53 -18.58
CA ASN B 196 -23.19 -59.48 -18.53
C ASN B 196 -22.66 -58.57 -19.63
N GLU B 197 -23.03 -58.87 -20.87
CA GLU B 197 -22.56 -58.11 -22.04
C GLU B 197 -23.15 -56.71 -22.08
N LYS B 198 -24.41 -56.59 -21.66
CA LYS B 198 -25.06 -55.28 -21.53
C LYS B 198 -24.30 -54.42 -20.52
N GLU B 199 -24.12 -54.94 -19.31
CA GLU B 199 -23.57 -54.14 -18.21
C GLU B 199 -22.09 -53.86 -18.36
N ILE B 200 -21.30 -54.89 -18.65
CA ILE B 200 -19.85 -54.74 -18.67
C ILE B 200 -19.42 -53.79 -19.79
N GLN B 201 -20.12 -53.80 -20.92
CA GLN B 201 -19.92 -52.79 -21.98
C GLN B 201 -20.02 -51.37 -21.40
N ARG B 202 -21.09 -51.10 -20.66
CA ARG B 202 -21.32 -49.78 -20.07
C ARG B 202 -20.36 -49.41 -18.94
N ILE B 203 -19.90 -50.42 -18.21
CA ILE B 203 -18.84 -50.23 -17.22
C ILE B 203 -17.49 -50.03 -17.93
N MET B 204 -17.27 -50.80 -19.00
CA MET B 204 -16.07 -50.67 -19.80
C MET B 204 -16.07 -49.31 -20.53
N HIS B 205 -17.25 -48.82 -20.94
CA HIS B 205 -17.40 -47.52 -21.64
C HIS B 205 -16.96 -46.35 -20.77
N ASN B 206 -17.48 -46.35 -19.55
CA ASN B 206 -17.08 -45.41 -18.50
C ASN B 206 -15.55 -45.37 -18.32
N TYR B 207 -14.96 -46.55 -18.12
CA TYR B 207 -13.50 -46.68 -17.96
C TYR B 207 -12.74 -46.10 -19.16
N ASP B 208 -13.30 -46.26 -20.35
CA ASP B 208 -12.67 -45.76 -21.56
C ASP B 208 -12.72 -44.24 -21.59
N LYS B 209 -13.92 -43.66 -21.50
CA LYS B 209 -14.08 -42.19 -21.35
C LYS B 209 -13.10 -41.60 -20.34
N LEU B 210 -13.00 -42.27 -19.19
CA LEU B 210 -12.11 -41.87 -18.08
C LEU B 210 -10.63 -41.88 -18.46
N LYS B 211 -10.20 -42.93 -19.17
CA LYS B 211 -8.82 -43.00 -19.68
C LYS B 211 -8.56 -41.93 -20.74
N SER B 212 -9.46 -41.85 -21.72
CA SER B 212 -9.35 -40.86 -22.79
C SER B 212 -9.39 -39.42 -22.25
N ARG B 213 -10.08 -39.22 -21.13
CA ARG B 213 -10.03 -37.94 -20.43
C ARG B 213 -8.60 -37.72 -19.90
N ILE B 214 -8.05 -38.71 -19.16
CA ILE B 214 -6.68 -38.62 -18.65
C ILE B 214 -5.68 -38.34 -19.78
N SER B 215 -5.88 -38.98 -20.93
CA SER B 215 -5.07 -38.75 -22.14
C SER B 215 -5.09 -37.28 -22.61
N GLU B 216 -6.28 -36.68 -22.62
CA GLU B 216 -6.41 -35.28 -23.04
C GLU B 216 -5.73 -34.30 -22.08
N ILE B 217 -5.83 -34.56 -20.76
CA ILE B 217 -5.27 -33.66 -19.74
C ILE B 217 -3.75 -33.66 -19.79
N ILE B 218 -3.16 -34.85 -19.97
CA ILE B 218 -1.72 -34.99 -19.93
C ILE B 218 -1.13 -34.26 -21.14
N ASP B 219 -1.75 -34.45 -22.31
CA ASP B 219 -1.35 -33.68 -23.50
C ASP B 219 -1.65 -32.16 -23.37
N SER B 220 -2.72 -31.82 -22.64
CA SER B 220 -2.98 -30.42 -22.27
C SER B 220 -1.84 -29.88 -21.40
N ARG B 221 -1.39 -30.68 -20.43
CA ARG B 221 -0.27 -30.30 -19.57
C ARG B 221 1.02 -30.20 -20.36
N ARG B 222 1.34 -31.30 -21.03
CA ARG B 222 2.53 -31.41 -21.87
C ARG B 222 2.68 -30.15 -22.76
N ARG B 223 1.58 -29.73 -23.39
CA ARG B 223 1.56 -28.54 -24.25
C ARG B 223 1.86 -27.22 -23.52
N LEU B 224 1.39 -27.11 -22.29
CA LEU B 224 1.71 -25.96 -21.44
C LEU B 224 3.21 -25.87 -21.14
N GLU B 225 3.82 -27.03 -20.84
CA GLU B 225 5.20 -27.11 -20.38
C GLU B 225 6.21 -26.69 -21.44
N GLU B 226 5.98 -27.09 -22.68
CA GLU B 226 6.84 -26.63 -23.78
C GLU B 226 6.60 -25.16 -24.11
N ASP B 227 5.38 -24.66 -23.89
CA ASP B 227 5.09 -23.22 -23.99
C ASP B 227 5.74 -22.41 -22.86
N LEU B 228 5.92 -23.07 -21.72
CA LEU B 228 6.65 -22.53 -20.57
C LEU B 228 8.14 -22.28 -20.83
N LYS B 229 8.78 -23.20 -21.54
CA LYS B 229 10.20 -23.06 -21.89
C LYS B 229 10.44 -21.95 -22.92
N LYS B 230 9.57 -21.87 -23.91
CA LYS B 230 9.62 -20.80 -24.92
C LYS B 230 9.28 -19.42 -24.34
N GLN B 231 8.56 -19.41 -23.22
CA GLN B 231 8.40 -18.22 -22.40
C GLN B 231 9.68 -17.90 -21.62
N ALA B 232 10.21 -18.91 -20.92
CA ALA B 232 11.48 -18.78 -20.19
C ALA B 232 12.63 -18.42 -21.13
N ALA B 233 12.52 -18.79 -22.41
CA ALA B 233 13.42 -18.33 -23.45
C ALA B 233 13.35 -16.82 -23.63
N GLU B 234 12.20 -16.30 -24.05
CA GLU B 234 12.00 -14.84 -24.27
C GLU B 234 12.36 -14.06 -23.00
N TYR B 235 12.08 -14.66 -21.84
CA TYR B 235 12.43 -14.12 -20.51
C TYR B 235 13.92 -13.89 -20.38
N ARG B 236 14.72 -14.93 -20.64
CA ARG B 236 16.19 -14.82 -20.63
C ARG B 236 16.63 -13.70 -21.55
N GLU B 237 15.97 -13.58 -22.70
CA GLU B 237 16.28 -12.53 -23.68
C GLU B 237 15.93 -11.09 -23.22
N ILE B 238 14.89 -10.93 -22.38
CA ILE B 238 14.51 -9.59 -21.86
C ILE B 238 15.61 -8.95 -20.98
N ASP B 239 16.08 -9.72 -20.00
CA ASP B 239 17.16 -9.30 -19.08
C ASP B 239 18.45 -9.04 -19.86
N LYS B 240 18.72 -9.91 -20.84
CA LYS B 240 19.87 -9.77 -21.73
C LYS B 240 19.90 -8.39 -22.38
N ARG B 241 18.77 -7.99 -22.96
CA ARG B 241 18.66 -6.72 -23.66
C ARG B 241 18.55 -5.51 -22.75
N MET B 242 17.96 -5.69 -21.56
CA MET B 242 18.07 -4.68 -20.49
C MET B 242 19.54 -4.47 -20.08
N ASN B 243 20.27 -5.59 -19.93
CA ASN B 243 21.69 -5.58 -19.50
C ASN B 243 22.71 -5.29 -20.60
N SER B 244 22.23 -5.06 -21.83
CA SER B 244 22.99 -4.37 -22.87
C SER B 244 22.70 -2.87 -22.86
N ILE B 245 21.45 -2.50 -22.63
CA ILE B 245 21.03 -1.10 -22.66
C ILE B 245 21.51 -0.33 -21.43
N LYS B 246 21.44 -0.96 -20.25
CA LYS B 246 21.81 -0.29 -18.98
C LYS B 246 23.18 0.41 -18.96
N PRO B 247 24.24 -0.23 -19.51
CA PRO B 247 25.50 0.52 -19.59
C PRO B 247 25.38 1.76 -20.48
N ASP B 248 24.91 1.55 -21.71
CA ASP B 248 24.72 2.64 -22.70
C ASP B 248 23.83 3.77 -22.18
N LEU B 249 22.83 3.43 -21.38
CA LEU B 249 21.92 4.40 -20.78
C LEU B 249 22.62 5.36 -19.81
N ILE B 250 23.52 4.82 -18.97
CA ILE B 250 24.23 5.60 -17.94
C ILE B 250 25.32 6.47 -18.57
N GLN B 251 26.06 5.92 -19.53
CA GLN B 251 27.05 6.70 -20.27
C GLN B 251 26.36 7.83 -21.02
N LEU B 252 25.34 7.49 -21.81
CA LEU B 252 24.47 8.52 -22.44
C LEU B 252 24.00 9.56 -21.42
N ARG B 253 23.57 9.10 -20.25
CA ARG B 253 23.15 10.00 -19.20
C ARG B 253 24.31 10.89 -18.76
N LYS B 254 25.46 10.27 -18.51
CA LYS B 254 26.62 11.00 -17.99
C LYS B 254 27.13 12.09 -18.94
N THR B 255 27.31 11.74 -20.22
CA THR B 255 27.79 12.71 -21.23
C THR B 255 26.79 13.89 -21.35
N ARG B 256 25.50 13.56 -21.36
CA ARG B 256 24.42 14.56 -21.36
C ARG B 256 24.52 15.57 -20.20
N ASP B 257 24.93 15.11 -19.02
CA ASP B 257 25.17 16.00 -17.87
C ASP B 257 26.39 16.87 -18.11
N GLN B 258 27.48 16.24 -18.52
CA GLN B 258 28.76 16.92 -18.74
C GLN B 258 28.66 18.04 -19.76
N TYR B 259 28.01 17.74 -20.89
CA TYR B 259 27.63 18.77 -21.87
C TYR B 259 26.79 19.88 -21.19
N LEU B 260 25.78 19.46 -20.43
CA LEU B 260 24.89 20.37 -19.71
C LEU B 260 25.60 21.21 -18.62
N MET B 261 26.66 20.65 -18.02
CA MET B 261 27.52 21.40 -17.09
C MET B 261 28.24 22.50 -17.85
N TRP B 262 28.94 22.10 -18.92
CA TRP B 262 29.74 22.98 -19.80
C TRP B 262 29.02 24.28 -20.17
N LEU B 263 27.76 24.16 -20.55
CA LEU B 263 26.95 25.28 -21.04
C LEU B 263 26.60 26.26 -19.91
N THR B 264 26.24 25.70 -18.76
CA THR B 264 25.94 26.47 -17.56
C THR B 264 27.17 27.20 -17.01
N GLN B 265 28.37 26.63 -17.18
CA GLN B 265 29.64 27.29 -16.81
C GLN B 265 29.75 28.67 -17.43
N LYS B 266 29.41 28.75 -18.72
CA LYS B 266 29.55 29.98 -19.49
C LYS B 266 28.33 30.90 -19.33
N GLY B 267 27.13 30.33 -19.52
CA GLY B 267 25.90 31.12 -19.47
C GLY B 267 24.63 30.28 -19.48
N LYS B 272 16.85 28.84 -21.30
CA LYS B 272 17.15 28.42 -22.66
C LYS B 272 17.17 26.89 -22.82
N LEU B 273 17.66 26.20 -21.79
CA LEU B 273 17.89 24.74 -21.82
C LEU B 273 16.59 23.91 -21.97
N ASN B 274 15.45 24.47 -21.51
CA ASN B 274 14.13 23.78 -21.50
C ASN B 274 13.76 23.03 -22.78
N GLU B 275 13.93 23.72 -23.90
CA GLU B 275 13.55 23.16 -25.20
C GLU B 275 14.51 22.05 -25.64
N TRP B 276 15.79 22.17 -25.24
CA TRP B 276 16.78 21.11 -25.47
C TRP B 276 16.60 19.96 -24.48
#